data_3HIJ
#
_entry.id   3HIJ
#
_cell.length_a   84.484
_cell.length_b   124.617
_cell.length_c   130.979
_cell.angle_alpha   90.00
_cell.angle_beta   90.00
_cell.angle_gamma   90.00
#
_symmetry.space_group_name_H-M   'P 21 21 21'
#
loop_
_entity.id
_entity.type
_entity.pdbx_description
1 polymer 'Dihydrodipicolinate synthase'
2 non-polymer GLYCEROL
3 non-polymer 'SODIUM ION'
4 water water
#
_entity_poly.entity_id   1
_entity_poly.type   'polypeptide(L)'
_entity_poly.pdbx_seq_one_letter_code
;MIDFGTIATAMVTPFDINGNIDFAKTTKLVNYLIDNGTTAIVVGGTTGESPTLTSEEKVALYRHVVSVVDKRVPVIAGTG
SNNTHASIDLTKKATEVGVDAVMLVAPYYNKPSQEGMYQHFKAIAESTPLPVMLYNVPGRSIVQISVDTVVRLSEIENIV
AI(KPI)DAGGDVLTMTEIIEKTADDFAVYSGDDGLTLPAMAVGAKGIVSVASHVIGNEMQEMIAAFQAGEFKKAQKLHQ
LLVRVTDSLFMAPSPTPVKTALQMVGLDVGSVRLPLLPLTEEERVTLQSVMQSIPR
;
_entity_poly.pdbx_strand_id   A,B,C,D
#
# COMPACT_ATOMS: atom_id res chain seq x y z
N MET A 1 -1.32 11.24 -38.54
CA MET A 1 -1.28 10.88 -37.07
C MET A 1 -2.24 11.82 -36.34
N ILE A 2 -3.25 11.27 -35.65
CA ILE A 2 -4.22 12.08 -34.83
C ILE A 2 -3.56 12.92 -33.71
N ASP A 3 -4.05 14.14 -33.52
CA ASP A 3 -3.41 15.04 -32.55
C ASP A 3 -4.48 15.54 -31.58
N PHE A 4 -4.41 15.09 -30.32
CA PHE A 4 -5.41 15.48 -29.33
C PHE A 4 -5.08 16.79 -28.64
N GLY A 5 -3.94 17.39 -29.01
CA GLY A 5 -3.50 18.65 -28.37
C GLY A 5 -3.02 18.46 -26.92
N THR A 6 -2.90 19.54 -26.19
CA THR A 6 -2.32 19.48 -24.89
C THR A 6 -3.37 19.29 -23.79
N ILE A 7 -4.65 19.63 -24.04
CA ILE A 7 -5.68 19.43 -23.00
C ILE A 7 -6.90 18.70 -23.55
N ALA A 8 -6.93 17.40 -23.32
CA ALA A 8 -8.06 16.57 -23.69
C ALA A 8 -8.91 16.67 -22.47
N THR A 9 -10.21 16.83 -22.60
CA THR A 9 -11.04 16.95 -21.37
C THR A 9 -11.99 15.74 -21.20
N ALA A 10 -11.97 15.07 -20.04
CA ALA A 10 -12.87 13.92 -19.88
C ALA A 10 -14.19 14.52 -19.46
N MET A 11 -15.08 14.82 -20.42
CA MET A 11 -16.30 15.57 -20.12
C MET A 11 -17.25 14.86 -19.21
N VAL A 12 -17.80 15.57 -18.25
CA VAL A 12 -18.91 15.05 -17.47
C VAL A 12 -20.08 14.81 -18.42
N THR A 13 -21.01 13.94 -18.03
CA THR A 13 -22.26 13.75 -18.77
C THR A 13 -23.38 14.54 -18.05
N PRO A 14 -23.90 15.63 -18.65
CA PRO A 14 -24.96 16.41 -17.98
C PRO A 14 -26.22 15.56 -17.81
N PHE A 15 -26.84 15.58 -16.65
CA PHE A 15 -28.06 14.84 -16.46
C PHE A 15 -29.22 15.81 -16.17
N ASP A 16 -30.45 15.43 -16.51
CA ASP A 16 -31.56 16.32 -16.15
C ASP A 16 -32.08 15.99 -14.74
N ILE A 17 -33.24 16.54 -14.34
CA ILE A 17 -33.67 16.42 -12.99
C ILE A 17 -34.07 14.97 -12.76
N ASN A 18 -34.38 14.24 -13.83
CA ASN A 18 -34.71 12.84 -13.69
C ASN A 18 -33.49 11.90 -13.79
N GLY A 19 -32.28 12.41 -13.98
CA GLY A 19 -31.10 11.54 -14.10
C GLY A 19 -30.82 11.15 -15.53
N ASN A 20 -31.67 11.58 -16.47
CA ASN A 20 -31.45 11.25 -17.87
C ASN A 20 -30.45 12.19 -18.52
N ILE A 21 -29.84 11.77 -19.61
CA ILE A 21 -28.85 12.61 -20.31
C ILE A 21 -29.54 13.86 -20.78
N ASP A 22 -28.94 15.00 -20.43
CA ASP A 22 -29.51 16.29 -20.82
C ASP A 22 -28.72 16.70 -22.09
N PHE A 23 -29.32 16.49 -23.24
CA PHE A 23 -28.62 16.76 -24.46
C PHE A 23 -28.37 18.23 -24.77
N ALA A 24 -29.31 19.08 -24.34
CA ALA A 24 -29.19 20.53 -24.52
C ALA A 24 -28.05 21.05 -23.65
N LYS A 25 -27.99 20.60 -22.39
CA LYS A 25 -26.83 20.93 -21.57
C LYS A 25 -25.52 20.33 -22.07
N THR A 26 -25.53 19.13 -22.69
CA THR A 26 -24.34 18.58 -23.27
C THR A 26 -23.79 19.52 -24.40
N THR A 27 -24.65 19.94 -25.32
CA THR A 27 -24.32 20.99 -26.32
C THR A 27 -23.65 22.23 -25.71
N LYS A 28 -24.29 22.80 -24.71
CA LYS A 28 -23.75 23.97 -24.06
C LYS A 28 -22.38 23.62 -23.44
N LEU A 29 -22.28 22.47 -22.78
CA LEU A 29 -20.98 22.07 -22.19
C LEU A 29 -19.92 21.92 -23.30
N VAL A 30 -20.29 21.31 -24.40
CA VAL A 30 -19.29 21.05 -25.44
C VAL A 30 -18.75 22.38 -26.01
N ASN A 31 -19.64 23.33 -26.25
CA ASN A 31 -19.22 24.60 -26.84
C ASN A 31 -18.41 25.40 -25.83
N TYR A 32 -18.79 25.36 -24.55
CA TYR A 32 -18.02 25.93 -23.50
C TYR A 32 -16.58 25.35 -23.37
N LEU A 33 -16.46 24.02 -23.33
CA LEU A 33 -15.13 23.40 -23.28
C LEU A 33 -14.26 23.85 -24.45
N ILE A 34 -14.80 23.79 -25.66
CA ILE A 34 -14.03 24.16 -26.84
C ILE A 34 -13.55 25.60 -26.80
N ASP A 35 -14.36 26.49 -26.22
CA ASP A 35 -13.93 27.90 -26.07
C ASP A 35 -13.08 28.22 -24.83
N ASN A 36 -12.81 27.20 -24.00
CA ASN A 36 -12.03 27.35 -22.78
C ASN A 36 -10.84 26.39 -22.72
N GLY A 37 -10.15 26.20 -23.85
CA GLY A 37 -8.85 25.51 -23.83
C GLY A 37 -8.83 24.03 -24.14
N THR A 38 -10.02 23.39 -24.20
CA THR A 38 -10.08 21.94 -24.47
C THR A 38 -9.70 21.66 -25.92
N THR A 39 -8.73 20.79 -26.16
CA THR A 39 -8.30 20.50 -27.52
C THR A 39 -8.77 19.14 -28.02
N ALA A 40 -9.41 18.33 -27.15
CA ALA A 40 -10.01 17.02 -27.55
C ALA A 40 -10.99 16.67 -26.46
N ILE A 41 -12.08 15.99 -26.80
CA ILE A 41 -13.05 15.71 -25.78
C ILE A 41 -13.14 14.20 -25.63
N VAL A 42 -12.93 13.70 -24.41
CA VAL A 42 -13.16 12.33 -24.08
C VAL A 42 -14.56 12.17 -23.56
N VAL A 43 -15.35 11.35 -24.24
CA VAL A 43 -16.80 11.32 -23.97
C VAL A 43 -17.08 9.97 -23.30
N GLY A 44 -17.83 9.98 -22.19
CA GLY A 44 -18.13 8.73 -21.50
C GLY A 44 -16.93 8.04 -20.91
N GLY A 45 -15.93 8.79 -20.48
CA GLY A 45 -14.87 8.15 -19.63
C GLY A 45 -15.33 8.02 -18.17
N THR A 46 -14.39 7.77 -17.24
CA THR A 46 -14.73 7.77 -15.81
C THR A 46 -15.52 9.00 -15.36
N THR A 47 -15.03 10.16 -15.74
CA THR A 47 -15.60 11.43 -15.29
C THR A 47 -16.98 11.59 -15.91
N GLY A 48 -17.22 10.89 -17.03
CA GLY A 48 -18.52 10.97 -17.75
C GLY A 48 -19.51 9.98 -17.13
N GLU A 49 -19.16 9.43 -15.97
CA GLU A 49 -19.94 8.36 -15.29
C GLU A 49 -20.24 7.14 -16.20
N SER A 50 -19.23 6.65 -16.95
CA SER A 50 -19.42 5.48 -17.77
C SER A 50 -20.05 4.26 -17.01
N PRO A 51 -19.74 4.03 -15.73
CA PRO A 51 -20.31 2.87 -15.03
C PRO A 51 -21.85 2.88 -14.89
N THR A 52 -22.45 4.08 -14.80
CA THR A 52 -23.89 4.20 -14.71
C THR A 52 -24.63 4.52 -16.05
N LEU A 53 -23.93 4.58 -17.19
CA LEU A 53 -24.63 4.80 -18.44
C LEU A 53 -24.91 3.45 -19.08
N THR A 54 -26.08 3.29 -19.67
CA THR A 54 -26.31 2.10 -20.41
C THR A 54 -25.55 2.19 -21.74
N SER A 55 -25.45 1.07 -22.43
CA SER A 55 -24.79 1.00 -23.71
C SER A 55 -25.50 1.95 -24.71
N GLU A 56 -26.83 1.99 -24.68
CA GLU A 56 -27.63 2.84 -25.55
C GLU A 56 -27.39 4.34 -25.31
N GLU A 57 -27.36 4.73 -24.04
CA GLU A 57 -26.98 6.08 -23.61
C GLU A 57 -25.57 6.47 -24.09
N LYS A 58 -24.61 5.58 -23.94
CA LYS A 58 -23.27 5.92 -24.41
C LYS A 58 -23.27 6.20 -25.90
N VAL A 59 -23.92 5.35 -26.69
CA VAL A 59 -23.89 5.53 -28.13
C VAL A 59 -24.60 6.85 -28.50
N ALA A 60 -25.75 7.11 -27.86
CA ALA A 60 -26.48 8.37 -28.10
C ALA A 60 -25.64 9.56 -27.65
N LEU A 61 -24.98 9.45 -26.48
CA LEU A 61 -24.07 10.51 -26.05
C LEU A 61 -22.94 10.68 -27.05
N TYR A 62 -22.26 9.60 -27.44
CA TYR A 62 -21.22 9.71 -28.48
C TYR A 62 -21.73 10.41 -29.76
N ARG A 63 -22.89 9.96 -30.27
CA ARG A 63 -23.39 10.48 -31.54
C ARG A 63 -23.67 11.98 -31.34
N HIS A 64 -24.22 12.36 -30.20
CA HIS A 64 -24.59 13.78 -30.01
C HIS A 64 -23.35 14.68 -29.97
N VAL A 65 -22.34 14.24 -29.21
CA VAL A 65 -21.10 15.00 -29.08
C VAL A 65 -20.38 15.12 -30.41
N VAL A 66 -20.29 14.02 -31.16
CA VAL A 66 -19.85 14.07 -32.55
C VAL A 66 -20.57 15.18 -33.39
N SER A 67 -21.89 15.24 -33.35
CA SER A 67 -22.65 16.25 -34.10
C SER A 67 -22.32 17.65 -33.66
N VAL A 68 -22.43 17.90 -32.35
CA VAL A 68 -22.06 19.20 -31.79
C VAL A 68 -20.61 19.66 -32.04
N VAL A 69 -19.66 18.79 -31.80
CA VAL A 69 -18.28 19.16 -32.00
C VAL A 69 -18.03 19.54 -33.46
N ASP A 70 -18.66 18.83 -34.39
CA ASP A 70 -18.59 19.22 -35.78
C ASP A 70 -17.16 19.33 -36.32
N LYS A 71 -16.34 18.34 -35.99
CA LYS A 71 -14.93 18.29 -36.36
C LYS A 71 -14.00 19.36 -35.80
N ARG A 72 -14.47 20.19 -34.86
CA ARG A 72 -13.61 21.25 -34.31
C ARG A 72 -12.46 20.67 -33.48
N VAL A 73 -12.66 19.56 -32.76
CA VAL A 73 -11.57 18.93 -32.03
C VAL A 73 -11.84 17.42 -32.11
N PRO A 74 -10.85 16.57 -31.84
CA PRO A 74 -11.14 15.12 -31.84
C PRO A 74 -12.08 14.72 -30.71
N VAL A 75 -12.99 13.79 -31.02
CA VAL A 75 -13.94 13.17 -30.07
C VAL A 75 -13.47 11.75 -29.81
N ILE A 76 -13.19 11.47 -28.55
CA ILE A 76 -12.63 10.19 -28.14
C ILE A 76 -13.70 9.53 -27.29
N ALA A 77 -14.12 8.33 -27.66
CA ALA A 77 -15.21 7.70 -26.95
C ALA A 77 -14.63 6.67 -26.01
N GLY A 78 -15.06 6.76 -24.75
CA GLY A 78 -14.58 5.82 -23.72
C GLY A 78 -15.26 4.43 -23.80
N THR A 79 -15.01 3.70 -24.86
CA THR A 79 -15.70 2.43 -25.08
C THR A 79 -15.17 1.15 -24.32
N GLY A 80 -13.98 1.20 -23.74
CA GLY A 80 -13.49 -0.05 -23.09
C GLY A 80 -14.12 -0.30 -21.74
N SER A 81 -14.36 -1.57 -21.39
CA SER A 81 -14.77 -1.91 -20.07
C SER A 81 -13.88 -3.07 -19.69
N ASN A 82 -14.30 -3.82 -18.69
CA ASN A 82 -13.57 -5.00 -18.28
C ASN A 82 -14.03 -6.32 -18.98
N ASN A 83 -14.81 -6.17 -20.05
CA ASN A 83 -15.34 -7.28 -20.83
C ASN A 83 -14.87 -7.01 -22.28
N THR A 84 -13.94 -7.82 -22.79
CA THR A 84 -13.41 -7.60 -24.14
C THR A 84 -14.44 -7.61 -25.23
N HIS A 85 -15.28 -8.66 -25.24
CA HIS A 85 -16.39 -8.77 -26.21
C HIS A 85 -17.34 -7.54 -26.21
N ALA A 86 -17.74 -7.10 -25.03
CA ALA A 86 -18.64 -5.94 -24.92
C ALA A 86 -17.88 -4.71 -25.41
N SER A 87 -16.58 -4.65 -25.12
CA SER A 87 -15.76 -3.53 -25.54
C SER A 87 -15.62 -3.46 -27.05
N ILE A 88 -15.52 -4.62 -27.69
CA ILE A 88 -15.44 -4.64 -29.15
C ILE A 88 -16.74 -4.13 -29.75
N ASP A 89 -17.85 -4.55 -29.18
CA ASP A 89 -19.18 -4.21 -29.63
C ASP A 89 -19.42 -2.70 -29.51
N LEU A 90 -19.02 -2.14 -28.37
CA LEU A 90 -19.31 -0.72 -28.13
C LEU A 90 -18.37 0.12 -28.99
N THR A 91 -17.16 -0.38 -29.18
CA THR A 91 -16.17 0.30 -29.99
C THR A 91 -16.62 0.39 -31.45
N LYS A 92 -17.21 -0.71 -31.93
CA LYS A 92 -17.87 -0.70 -33.25
C LYS A 92 -19.00 0.28 -33.34
N LYS A 93 -19.88 0.36 -32.34
CA LYS A 93 -20.96 1.30 -32.36
C LYS A 93 -20.52 2.77 -32.32
N ALA A 94 -19.50 3.11 -31.50
CA ALA A 94 -18.92 4.45 -31.46
C ALA A 94 -18.29 4.75 -32.84
N THR A 95 -17.52 3.83 -33.39
CA THR A 95 -16.97 4.06 -34.74
C THR A 95 -18.08 4.46 -35.77
N GLU A 96 -19.22 3.76 -35.75
CA GLU A 96 -20.35 4.01 -36.67
C GLU A 96 -20.99 5.38 -36.44
N VAL A 97 -20.95 5.94 -35.22
CA VAL A 97 -21.57 7.26 -35.01
C VAL A 97 -20.55 8.43 -35.24
N GLY A 98 -19.37 8.09 -35.73
CA GLY A 98 -18.37 9.03 -36.27
C GLY A 98 -17.35 9.62 -35.29
N VAL A 99 -17.12 8.96 -34.14
CA VAL A 99 -16.11 9.47 -33.18
C VAL A 99 -14.74 9.37 -33.86
N ASP A 100 -13.75 10.13 -33.38
CA ASP A 100 -12.44 10.09 -33.98
C ASP A 100 -11.47 9.08 -33.39
N ALA A 101 -11.76 8.59 -32.19
CA ALA A 101 -10.80 7.72 -31.50
C ALA A 101 -11.55 7.05 -30.38
N VAL A 102 -10.95 6.01 -29.79
CA VAL A 102 -11.57 5.41 -28.61
C VAL A 102 -10.53 5.33 -27.53
N MET A 103 -10.99 5.45 -26.27
CA MET A 103 -10.14 5.30 -25.10
C MET A 103 -10.51 3.97 -24.39
N LEU A 104 -9.52 3.14 -24.07
CA LEU A 104 -9.75 1.82 -23.54
C LEU A 104 -9.13 1.73 -22.19
N VAL A 105 -9.94 1.68 -21.15
CA VAL A 105 -9.39 1.52 -19.78
C VAL A 105 -8.81 0.15 -19.48
N ALA A 106 -7.84 0.08 -18.61
CA ALA A 106 -7.40 -1.25 -18.07
C ALA A 106 -8.59 -1.87 -17.38
N PRO A 107 -8.92 -3.15 -17.70
CA PRO A 107 -10.09 -3.81 -17.07
C PRO A 107 -10.01 -3.71 -15.55
N TYR A 108 -11.07 -3.17 -14.96
CA TYR A 108 -11.18 -3.11 -13.51
C TYR A 108 -11.84 -4.39 -12.97
N TYR A 109 -11.77 -4.57 -11.65
CA TYR A 109 -12.46 -5.63 -10.92
C TYR A 109 -11.97 -7.09 -11.18
N ASN A 110 -11.81 -7.54 -12.45
CA ASN A 110 -11.40 -8.93 -12.73
C ASN A 110 -9.91 -9.18 -12.76
N LYS A 111 -9.12 -8.14 -12.64
CA LYS A 111 -7.69 -8.24 -12.40
C LYS A 111 -6.95 -9.12 -13.41
N PRO A 112 -7.06 -8.78 -14.70
CA PRO A 112 -6.35 -9.53 -15.76
C PRO A 112 -4.85 -9.46 -15.58
N SER A 113 -4.10 -10.39 -16.22
CA SER A 113 -2.66 -10.37 -16.15
C SER A 113 -2.21 -9.35 -17.24
N GLN A 114 -0.88 -9.11 -17.34
CA GLN A 114 -0.30 -8.32 -18.45
C GLN A 114 -0.63 -8.94 -19.82
N GLU A 115 -0.50 -10.25 -19.96
CA GLU A 115 -0.76 -10.91 -21.28
C GLU A 115 -2.26 -10.83 -21.59
N GLY A 116 -3.07 -10.99 -20.57
CA GLY A 116 -4.51 -10.82 -20.70
C GLY A 116 -4.87 -9.45 -21.19
N MET A 117 -4.27 -8.42 -20.62
CA MET A 117 -4.53 -7.04 -21.05
C MET A 117 -4.03 -6.86 -22.45
N TYR A 118 -2.85 -7.42 -22.73
CA TYR A 118 -2.30 -7.31 -24.08
C TYR A 118 -3.33 -7.86 -25.09
N GLN A 119 -3.86 -9.08 -24.84
CA GLN A 119 -4.84 -9.70 -25.77
C GLN A 119 -6.14 -8.83 -25.81
N HIS A 120 -6.51 -8.29 -24.67
CA HIS A 120 -7.77 -7.53 -24.56
C HIS A 120 -7.62 -6.29 -25.48
N PHE A 121 -6.61 -5.47 -25.24
CA PHE A 121 -6.44 -4.23 -26.02
C PHE A 121 -6.19 -4.52 -27.49
N LYS A 122 -5.39 -5.57 -27.79
CA LYS A 122 -5.11 -5.99 -29.16
C LYS A 122 -6.38 -6.33 -29.88
N ALA A 123 -7.24 -7.12 -29.25
CA ALA A 123 -8.47 -7.55 -29.95
C ALA A 123 -9.41 -6.39 -30.11
N ILE A 124 -9.41 -5.47 -29.15
CA ILE A 124 -10.32 -4.28 -29.36
C ILE A 124 -9.75 -3.40 -30.47
N ALA A 125 -8.43 -3.17 -30.44
CA ALA A 125 -7.80 -2.31 -31.44
C ALA A 125 -7.99 -2.89 -32.85
N GLU A 126 -7.89 -4.22 -33.00
CA GLU A 126 -8.10 -4.85 -34.29
C GLU A 126 -9.51 -4.69 -34.81
N SER A 127 -10.47 -4.34 -33.98
CA SER A 127 -11.84 -4.39 -34.39
C SER A 127 -12.27 -3.05 -34.93
N THR A 128 -11.37 -2.07 -34.85
CA THR A 128 -11.76 -0.75 -35.35
C THR A 128 -10.64 -0.15 -36.19
N PRO A 129 -11.00 0.66 -37.18
CA PRO A 129 -9.92 1.34 -37.88
C PRO A 129 -9.42 2.58 -37.09
N LEU A 130 -10.21 3.05 -36.12
CA LEU A 130 -9.89 4.26 -35.36
C LEU A 130 -8.60 4.20 -34.51
N PRO A 131 -8.00 5.36 -34.26
CA PRO A 131 -6.94 5.44 -33.27
C PRO A 131 -7.45 5.05 -31.88
N VAL A 132 -6.58 4.41 -31.10
CA VAL A 132 -6.89 3.98 -29.74
C VAL A 132 -5.97 4.66 -28.71
N MET A 133 -6.57 5.20 -27.65
CA MET A 133 -5.76 5.65 -26.49
C MET A 133 -5.92 4.63 -25.33
N LEU A 134 -4.85 4.01 -24.85
CA LEU A 134 -4.91 3.21 -23.63
C LEU A 134 -5.18 4.11 -22.41
N TYR A 135 -5.69 3.54 -21.31
CA TYR A 135 -5.93 4.34 -20.13
C TYR A 135 -5.52 3.50 -18.94
N ASN A 136 -4.38 3.85 -18.37
CA ASN A 136 -3.87 3.19 -17.17
C ASN A 136 -4.39 3.89 -15.95
N VAL A 137 -5.08 3.18 -15.07
CA VAL A 137 -5.65 3.83 -13.89
C VAL A 137 -5.61 2.86 -12.70
N PRO A 138 -4.41 2.56 -12.18
CA PRO A 138 -4.39 1.53 -11.16
C PRO A 138 -5.16 1.93 -9.88
N GLY A 139 -5.38 3.23 -9.71
CA GLY A 139 -6.13 3.74 -8.52
C GLY A 139 -7.62 3.42 -8.66
N ARG A 140 -8.06 2.89 -9.82
CA ARG A 140 -9.46 2.43 -9.96
C ARG A 140 -9.53 1.01 -10.42
N SER A 141 -8.58 0.56 -11.25
CA SER A 141 -8.62 -0.83 -11.77
C SER A 141 -7.72 -1.80 -10.99
N ILE A 142 -6.90 -1.25 -10.10
CA ILE A 142 -5.92 -2.03 -9.31
C ILE A 142 -4.71 -2.49 -10.09
N VAL A 143 -4.93 -3.24 -11.18
CA VAL A 143 -3.81 -3.65 -12.01
C VAL A 143 -3.25 -2.35 -12.71
N GLN A 144 -2.00 -2.42 -13.11
CA GLN A 144 -1.36 -1.38 -13.93
C GLN A 144 -1.05 -2.01 -15.29
N ILE A 145 -1.05 -1.19 -16.33
CA ILE A 145 -0.56 -1.66 -17.60
C ILE A 145 0.95 -1.48 -17.50
N SER A 146 1.73 -2.56 -17.44
CA SER A 146 3.16 -2.42 -17.28
C SER A 146 3.77 -1.63 -18.45
N VAL A 147 4.89 -0.96 -18.16
CA VAL A 147 5.64 -0.33 -19.25
C VAL A 147 5.86 -1.25 -20.48
N ASP A 148 6.28 -2.50 -20.24
CA ASP A 148 6.52 -3.43 -21.35
C ASP A 148 5.24 -3.77 -22.09
N THR A 149 4.14 -3.91 -21.35
CA THR A 149 2.86 -4.10 -22.03
C THR A 149 2.46 -2.91 -22.89
N VAL A 150 2.67 -1.70 -22.37
CA VAL A 150 2.32 -0.50 -23.15
C VAL A 150 3.20 -0.43 -24.43
N VAL A 151 4.50 -0.70 -24.24
CA VAL A 151 5.45 -0.69 -25.38
C VAL A 151 5.03 -1.68 -26.46
N ARG A 152 4.68 -2.91 -26.07
CA ARG A 152 4.17 -3.89 -27.03
C ARG A 152 2.93 -3.40 -27.74
N LEU A 153 1.96 -2.86 -26.97
CA LEU A 153 0.77 -2.34 -27.61
C LEU A 153 1.03 -1.13 -28.55
N SER A 154 1.99 -0.28 -28.20
CA SER A 154 2.31 0.90 -29.01
C SER A 154 2.78 0.50 -30.39
N GLU A 155 3.22 -0.74 -30.54
CA GLU A 155 3.70 -1.23 -31.84
C GLU A 155 2.52 -1.57 -32.74
N ILE A 156 1.32 -1.66 -32.19
CA ILE A 156 0.15 -1.90 -33.02
C ILE A 156 -0.21 -0.58 -33.68
N GLU A 157 -0.58 -0.66 -34.96
CA GLU A 157 -0.66 0.52 -35.79
C GLU A 157 -1.62 1.59 -35.26
N ASN A 158 -2.84 1.20 -34.86
CA ASN A 158 -3.81 2.17 -34.42
C ASN A 158 -3.83 2.42 -32.89
N ILE A 159 -2.84 1.91 -32.15
CA ILE A 159 -2.69 2.29 -30.78
C ILE A 159 -1.66 3.39 -30.71
N VAL A 160 -2.13 4.60 -30.44
CA VAL A 160 -1.30 5.80 -30.69
C VAL A 160 -0.98 6.65 -29.44
N ALA A 161 -1.58 6.32 -28.29
CA ALA A 161 -1.50 7.20 -27.10
C ALA A 161 -1.87 6.39 -25.82
N ILE A 162 -1.54 6.96 -24.66
CA ILE A 162 -1.93 6.42 -23.38
C ILE A 162 -2.27 7.61 -22.47
N ASP A 164 -2.08 8.22 -18.80
CA ASP A 164 -1.51 7.47 -17.69
C ASP A 164 -1.90 8.17 -16.43
N ALA A 165 -2.87 7.59 -15.72
CA ALA A 165 -3.35 8.18 -14.49
C ALA A 165 -2.69 7.38 -13.37
N GLY A 166 -1.52 6.82 -13.61
CA GLY A 166 -0.79 6.08 -12.56
C GLY A 166 -0.15 6.93 -11.46
N GLY A 167 -0.24 8.27 -11.58
CA GLY A 167 0.41 9.15 -10.62
C GLY A 167 1.95 9.13 -10.65
N ASP A 168 2.60 8.44 -11.57
CA ASP A 168 4.07 8.24 -11.48
C ASP A 168 4.73 8.75 -12.78
N VAL A 169 5.39 9.91 -12.74
CA VAL A 169 5.98 10.46 -13.97
C VAL A 169 7.24 9.70 -14.35
N LEU A 170 7.76 8.83 -13.46
CA LEU A 170 8.92 7.98 -13.83
C LEU A 170 8.56 6.80 -14.76
N THR A 171 7.41 6.16 -14.56
CA THR A 171 6.92 5.19 -15.55
C THR A 171 6.52 5.87 -16.85
N MET A 172 5.85 7.00 -16.80
CA MET A 172 5.68 7.82 -18.00
C MET A 172 6.98 8.06 -18.75
N THR A 173 8.01 8.47 -18.00
CA THR A 173 9.33 8.68 -18.60
C THR A 173 9.76 7.44 -19.39
N GLU A 174 9.62 6.28 -18.77
CA GLU A 174 10.09 5.03 -19.35
C GLU A 174 9.25 4.61 -20.57
N ILE A 175 7.92 4.86 -20.52
CA ILE A 175 7.05 4.67 -21.68
C ILE A 175 7.48 5.62 -22.83
N ILE A 176 7.75 6.87 -22.51
CA ILE A 176 8.13 7.84 -23.53
C ILE A 176 9.39 7.31 -24.23
N GLU A 177 10.36 6.93 -23.42
CA GLU A 177 11.63 6.58 -23.95
C GLU A 177 11.57 5.33 -24.82
N LYS A 178 10.91 4.28 -24.32
CA LYS A 178 10.89 2.95 -24.97
C LYS A 178 9.90 2.89 -26.12
N THR A 179 9.00 3.84 -26.22
CA THR A 179 8.07 3.78 -27.35
C THR A 179 8.62 4.69 -28.43
N ALA A 180 8.10 4.55 -29.65
CA ALA A 180 8.43 5.43 -30.76
C ALA A 180 8.04 6.88 -30.46
N ASP A 181 8.52 7.81 -31.29
CA ASP A 181 8.28 9.23 -31.05
C ASP A 181 6.85 9.62 -31.37
N ASP A 182 6.17 8.87 -32.22
CA ASP A 182 4.78 9.17 -32.56
C ASP A 182 3.73 8.53 -31.56
N PHE A 183 4.19 8.00 -30.42
CA PHE A 183 3.29 7.54 -29.36
C PHE A 183 3.17 8.61 -28.29
N ALA A 184 1.98 9.20 -28.13
CA ALA A 184 1.81 10.33 -27.23
C ALA A 184 1.48 9.80 -25.82
N VAL A 185 2.18 10.33 -24.82
CA VAL A 185 1.94 9.93 -23.45
C VAL A 185 1.30 11.17 -22.78
N TYR A 186 0.06 11.04 -22.30
CA TYR A 186 -0.66 12.06 -21.53
C TYR A 186 -0.65 11.67 -20.07
N SER A 187 -0.55 12.68 -19.20
CA SER A 187 -0.91 12.43 -17.80
C SER A 187 -2.45 12.24 -17.67
N GLY A 188 -2.89 11.45 -16.69
CA GLY A 188 -4.32 11.39 -16.41
C GLY A 188 -4.61 12.01 -15.07
N ASP A 189 -3.64 12.78 -14.53
CA ASP A 189 -3.80 13.50 -13.25
C ASP A 189 -3.49 14.96 -13.40
N ASP A 190 -4.46 15.82 -13.11
CA ASP A 190 -4.32 17.23 -13.41
C ASP A 190 -3.11 17.88 -12.75
N GLY A 191 -2.94 17.58 -11.46
CA GLY A 191 -1.86 18.12 -10.66
C GLY A 191 -0.51 17.75 -11.25
N LEU A 192 -0.42 16.66 -11.99
CA LEU A 192 0.87 16.26 -12.59
C LEU A 192 1.06 16.82 -14.02
N THR A 193 0.10 17.62 -14.52
CA THR A 193 0.29 18.22 -15.88
C THR A 193 1.74 18.73 -16.14
N LEU A 194 2.19 19.69 -15.33
CA LEU A 194 3.54 20.35 -15.53
C LEU A 194 4.70 19.38 -15.38
N PRO A 195 4.74 18.62 -14.27
CA PRO A 195 5.84 17.69 -14.09
C PRO A 195 5.82 16.64 -15.18
N ALA A 196 4.62 16.21 -15.62
CA ALA A 196 4.63 15.19 -16.64
C ALA A 196 5.13 15.79 -17.97
N MET A 197 4.69 17.01 -18.29
CA MET A 197 5.14 17.64 -19.56
C MET A 197 6.63 17.92 -19.51
N ALA A 198 7.16 18.23 -18.33
CA ALA A 198 8.58 18.44 -18.16
C ALA A 198 9.37 17.23 -18.56
N VAL A 199 8.85 16.00 -18.31
CA VAL A 199 9.56 14.80 -18.68
C VAL A 199 9.22 14.36 -20.09
N GLY A 200 8.34 15.06 -20.78
CA GLY A 200 8.05 14.61 -22.18
C GLY A 200 6.59 14.24 -22.51
N ALA A 201 5.67 14.32 -21.51
CA ALA A 201 4.25 14.06 -21.75
C ALA A 201 3.73 15.09 -22.71
N LYS A 202 2.83 14.68 -23.60
CA LYS A 202 2.30 15.56 -24.58
C LYS A 202 1.29 16.48 -23.94
N GLY A 203 0.64 16.10 -22.83
CA GLY A 203 -0.38 17.01 -22.23
C GLY A 203 -1.16 16.26 -21.16
N ILE A 204 -2.38 16.71 -20.90
CA ILE A 204 -3.17 16.17 -19.83
C ILE A 204 -4.55 15.72 -20.39
N VAL A 205 -5.07 14.62 -19.90
CA VAL A 205 -6.48 14.32 -20.03
C VAL A 205 -7.13 14.76 -18.70
N SER A 206 -7.93 15.81 -18.76
CA SER A 206 -8.15 16.62 -17.56
C SER A 206 -9.57 16.52 -17.04
N VAL A 207 -9.69 16.75 -15.74
CA VAL A 207 -10.99 16.97 -15.15
C VAL A 207 -11.14 18.48 -14.82
N ALA A 208 -10.12 19.09 -14.25
CA ALA A 208 -10.20 20.48 -13.80
C ALA A 208 -10.36 21.51 -14.99
N SER A 209 -10.12 21.09 -16.24
CA SER A 209 -10.28 21.99 -17.39
C SER A 209 -11.75 22.35 -17.54
N HIS A 210 -12.66 21.69 -16.79
CA HIS A 210 -14.05 22.06 -16.83
C HIS A 210 -14.19 23.44 -16.24
N VAL A 211 -13.39 23.77 -15.23
CA VAL A 211 -13.58 25.05 -14.56
C VAL A 211 -12.35 25.94 -14.61
N ILE A 212 -11.17 25.40 -14.95
CA ILE A 212 -10.03 26.27 -15.13
C ILE A 212 -9.26 25.97 -16.42
N GLY A 213 -9.96 25.64 -17.52
CA GLY A 213 -9.26 25.29 -18.73
C GLY A 213 -8.37 26.46 -19.22
N ASN A 214 -8.90 27.70 -19.19
CA ASN A 214 -8.10 28.87 -19.60
C ASN A 214 -6.82 29.05 -18.81
N GLU A 215 -6.88 28.89 -17.50
CA GLU A 215 -5.70 28.93 -16.66
C GLU A 215 -4.76 27.76 -16.99
N MET A 216 -5.29 26.59 -17.30
CA MET A 216 -4.38 25.48 -17.62
C MET A 216 -3.73 25.76 -18.97
N GLN A 217 -4.49 26.31 -19.89
CA GLN A 217 -3.94 26.62 -21.20
C GLN A 217 -2.76 27.66 -21.07
N GLU A 218 -3.02 28.70 -20.28
CA GLU A 218 -2.03 29.72 -20.00
C GLU A 218 -0.82 29.09 -19.33
N MET A 219 -1.07 28.24 -18.33
CA MET A 219 0.03 27.55 -17.59
C MET A 219 0.93 26.77 -18.57
N ILE A 220 0.28 26.10 -19.51
CA ILE A 220 1.00 25.26 -20.47
C ILE A 220 1.72 26.11 -21.49
N ALA A 221 1.11 27.21 -21.91
CA ALA A 221 1.77 28.12 -22.91
C ALA A 221 3.02 28.74 -22.19
N ALA A 222 2.83 29.15 -20.91
CA ALA A 222 3.97 29.68 -20.08
C ALA A 222 5.09 28.66 -19.95
N PHE A 223 4.74 27.44 -19.58
CA PHE A 223 5.73 26.41 -19.42
C PHE A 223 6.46 26.10 -20.72
N GLN A 224 5.73 25.93 -21.81
CA GLN A 224 6.38 25.58 -23.08
C GLN A 224 7.30 26.72 -23.55
N ALA A 225 6.92 27.97 -23.21
CA ALA A 225 7.78 29.10 -23.55
C ALA A 225 9.05 29.16 -22.69
N GLY A 226 9.04 28.49 -21.55
CA GLY A 226 10.11 28.62 -20.58
C GLY A 226 9.93 29.70 -19.55
N GLU A 227 8.70 30.21 -19.38
CA GLU A 227 8.45 31.20 -18.33
C GLU A 227 7.96 30.45 -17.07
N PHE A 228 8.91 29.90 -16.31
CA PHE A 228 8.61 29.01 -15.15
C PHE A 228 7.96 29.70 -13.96
N LYS A 229 8.09 31.02 -13.85
CA LYS A 229 7.46 31.72 -12.75
C LYS A 229 5.99 31.81 -12.93
N LYS A 230 5.55 32.20 -14.12
CA LYS A 230 4.10 32.19 -14.35
C LYS A 230 3.53 30.72 -14.34
N ALA A 231 4.32 29.77 -14.82
CA ALA A 231 3.88 28.38 -14.97
C ALA A 231 3.71 27.81 -13.55
N GLN A 232 4.66 28.13 -12.67
CA GLN A 232 4.65 27.57 -11.33
C GLN A 232 3.48 28.14 -10.57
N LYS A 233 3.19 29.41 -10.84
CA LYS A 233 2.07 30.05 -10.20
C LYS A 233 0.72 29.48 -10.66
N LEU A 234 0.59 29.19 -11.96
CA LEU A 234 -0.67 28.58 -12.41
C LEU A 234 -0.72 27.10 -11.95
N HIS A 235 0.43 26.45 -11.90
CA HIS A 235 0.54 25.09 -11.37
C HIS A 235 0.03 24.99 -9.93
N GLN A 236 0.37 25.96 -9.07
CA GLN A 236 -0.18 25.99 -7.72
C GLN A 236 -1.70 26.10 -7.68
N LEU A 237 -2.26 26.97 -8.52
CA LEU A 237 -3.69 27.08 -8.66
C LEU A 237 -4.28 25.70 -9.09
N LEU A 238 -3.66 25.08 -10.07
CA LEU A 238 -4.19 23.86 -10.63
C LEU A 238 -4.20 22.76 -9.57
N VAL A 239 -3.14 22.67 -8.77
CA VAL A 239 -3.03 21.61 -7.78
C VAL A 239 -4.13 21.78 -6.73
N ARG A 240 -4.33 23.02 -6.25
CA ARG A 240 -5.31 23.36 -5.24
C ARG A 240 -6.74 23.17 -5.74
N VAL A 241 -7.04 23.65 -6.96
CA VAL A 241 -8.36 23.45 -7.52
C VAL A 241 -8.60 21.93 -7.71
N THR A 242 -7.64 21.22 -8.28
CA THR A 242 -7.80 19.75 -8.45
C THR A 242 -8.08 19.04 -7.14
N ASP A 243 -7.30 19.31 -6.08
CA ASP A 243 -7.55 18.72 -4.77
C ASP A 243 -8.99 18.98 -4.29
N SER A 244 -9.54 20.16 -4.49
CA SER A 244 -10.91 20.45 -4.07
C SER A 244 -11.91 19.65 -4.95
N LEU A 245 -11.48 19.18 -6.11
CA LEU A 245 -12.40 18.44 -7.01
C LEU A 245 -12.52 16.89 -6.69
N PHE A 246 -11.67 16.41 -5.82
CA PHE A 246 -11.59 15.00 -5.47
C PHE A 246 -11.73 14.83 -3.96
N MET A 247 -12.45 15.76 -3.30
CA MET A 247 -12.69 15.63 -1.86
C MET A 247 -13.91 14.73 -1.60
N ALA A 248 -14.65 14.47 -2.65
CA ALA A 248 -15.73 13.46 -2.64
C ALA A 248 -15.59 12.70 -3.98
N PRO A 249 -16.19 11.51 -4.11
CA PRO A 249 -16.08 10.77 -5.37
C PRO A 249 -16.37 11.63 -6.64
N SER A 250 -15.47 11.52 -7.60
CA SER A 250 -15.56 12.26 -8.82
C SER A 250 -16.60 11.55 -9.70
N PRO A 251 -17.41 12.29 -10.47
CA PRO A 251 -17.33 13.71 -10.79
C PRO A 251 -18.29 14.64 -10.00
N THR A 252 -18.80 14.22 -8.84
CA THR A 252 -19.82 15.09 -8.18
C THR A 252 -19.21 16.46 -7.90
N PRO A 253 -17.93 16.54 -7.46
CA PRO A 253 -17.37 17.89 -7.16
C PRO A 253 -17.24 18.76 -8.43
N VAL A 254 -16.74 18.18 -9.53
CA VAL A 254 -16.64 19.05 -10.73
C VAL A 254 -17.99 19.35 -11.32
N LYS A 255 -18.96 18.48 -11.15
CA LYS A 255 -20.30 18.87 -11.61
C LYS A 255 -20.83 20.02 -10.74
N THR A 256 -20.51 20.04 -9.46
CA THR A 256 -21.05 21.06 -8.59
C THR A 256 -20.31 22.37 -8.92
N ALA A 257 -19.01 22.24 -9.14
CA ALA A 257 -18.15 23.39 -9.47
C ALA A 257 -18.65 24.01 -10.76
N LEU A 258 -19.02 23.17 -11.72
CA LEU A 258 -19.56 23.72 -12.96
C LEU A 258 -20.75 24.64 -12.68
N GLN A 259 -21.62 24.18 -11.77
CA GLN A 259 -22.85 24.90 -11.45
C GLN A 259 -22.41 26.22 -10.82
N MET A 260 -21.39 26.16 -10.00
CA MET A 260 -20.91 27.37 -9.40
C MET A 260 -20.37 28.41 -10.39
N VAL A 261 -19.86 28.01 -11.54
CA VAL A 261 -19.32 28.98 -12.50
C VAL A 261 -20.37 29.18 -13.56
N GLY A 262 -21.60 28.74 -13.28
CA GLY A 262 -22.76 29.06 -14.14
C GLY A 262 -23.00 28.10 -15.29
N LEU A 263 -22.43 26.90 -15.26
CA LEU A 263 -22.86 25.89 -16.27
C LEU A 263 -23.42 24.63 -15.57
N ASP A 264 -24.64 24.71 -15.07
CA ASP A 264 -25.27 23.54 -14.37
C ASP A 264 -25.39 22.33 -15.27
N VAL A 265 -24.92 21.18 -14.80
CA VAL A 265 -24.93 19.99 -15.67
C VAL A 265 -25.67 18.85 -14.91
N GLY A 266 -26.52 19.27 -13.96
CA GLY A 266 -27.26 18.35 -13.11
C GLY A 266 -26.43 17.66 -12.05
N SER A 267 -26.88 16.49 -11.58
CA SER A 267 -26.24 15.86 -10.47
C SER A 267 -25.69 14.49 -10.97
N VAL A 268 -25.57 13.50 -10.12
CA VAL A 268 -24.86 12.24 -10.47
C VAL A 268 -25.81 11.03 -10.26
N ARG A 269 -25.43 9.85 -10.74
CA ARG A 269 -26.24 8.65 -10.58
C ARG A 269 -25.64 7.79 -9.45
N LEU A 270 -26.52 7.15 -8.66
CA LEU A 270 -26.13 6.21 -7.64
C LEU A 270 -25.22 5.16 -8.29
N PRO A 271 -24.16 4.81 -7.60
CA PRO A 271 -23.85 4.96 -6.16
C PRO A 271 -23.22 6.29 -5.75
N LEU A 272 -23.10 7.24 -6.68
CA LEU A 272 -22.60 8.56 -6.33
C LEU A 272 -23.74 9.44 -5.83
N LEU A 273 -23.39 10.40 -4.97
CA LEU A 273 -24.35 11.23 -4.26
C LEU A 273 -23.97 12.69 -4.39
N PRO A 274 -25.00 13.59 -4.34
CA PRO A 274 -24.72 15.01 -4.33
C PRO A 274 -23.82 15.30 -3.17
N LEU A 275 -23.05 16.39 -3.30
CA LEU A 275 -22.23 16.92 -2.20
C LEU A 275 -23.16 17.26 -1.02
N THR A 276 -22.69 17.12 0.20
CA THR A 276 -23.49 17.66 1.29
C THR A 276 -23.45 19.23 1.22
N GLU A 277 -24.35 19.88 1.96
CA GLU A 277 -24.30 21.33 2.09
C GLU A 277 -22.91 21.78 2.54
N GLU A 278 -22.33 21.02 3.47
CA GLU A 278 -21.01 21.25 4.00
C GLU A 278 -19.92 21.16 2.92
N GLU A 279 -19.94 20.10 2.10
CA GLU A 279 -18.94 19.95 1.06
C GLU A 279 -19.09 21.06 0.05
N ARG A 280 -20.33 21.47 -0.22
CA ARG A 280 -20.69 22.45 -1.21
C ARG A 280 -20.13 23.79 -0.81
N VAL A 281 -20.11 24.04 0.49
CA VAL A 281 -19.58 25.29 1.05
C VAL A 281 -18.06 25.34 0.95
N THR A 282 -17.41 24.27 1.36
CA THR A 282 -15.98 24.13 1.21
C THR A 282 -15.54 24.23 -0.25
N LEU A 283 -16.29 23.63 -1.18
CA LEU A 283 -15.92 23.67 -2.57
C LEU A 283 -16.11 25.10 -3.03
N GLN A 284 -17.24 25.70 -2.65
CA GLN A 284 -17.58 27.02 -3.12
C GLN A 284 -16.49 28.06 -2.75
N SER A 285 -15.95 27.91 -1.55
CA SER A 285 -14.86 28.73 -1.12
C SER A 285 -13.62 28.55 -1.96
N VAL A 286 -13.33 27.33 -2.41
CA VAL A 286 -12.18 27.16 -3.27
C VAL A 286 -12.51 27.80 -4.62
N MET A 287 -13.74 27.64 -5.09
CA MET A 287 -14.11 28.21 -6.36
C MET A 287 -13.95 29.76 -6.31
N GLN A 288 -14.15 30.34 -5.12
CA GLN A 288 -14.15 31.78 -4.92
C GLN A 288 -12.75 32.32 -4.91
N SER A 289 -11.79 31.50 -4.51
CA SER A 289 -10.41 31.87 -4.51
C SER A 289 -9.71 31.89 -5.91
N ILE A 290 -10.44 31.52 -6.96
CA ILE A 290 -9.89 31.49 -8.29
C ILE A 290 -9.96 32.93 -8.82
N PRO A 291 -8.80 33.52 -9.19
CA PRO A 291 -8.83 34.91 -9.66
C PRO A 291 -9.75 35.05 -10.88
N ARG A 292 -10.66 36.00 -10.80
CA ARG A 292 -11.65 36.18 -11.86
C ARG A 292 -11.41 37.49 -12.57
N MET B 1 -34.73 -16.61 9.76
CA MET B 1 -33.37 -16.45 9.21
C MET B 1 -32.89 -17.59 8.28
N ILE B 2 -32.74 -17.28 6.96
CA ILE B 2 -32.07 -18.18 5.98
C ILE B 2 -30.66 -18.60 6.46
N ASP B 3 -30.23 -19.81 6.13
CA ASP B 3 -28.96 -20.34 6.58
C ASP B 3 -28.17 -20.85 5.38
N PHE B 4 -26.98 -20.29 5.13
CA PHE B 4 -26.11 -20.72 4.01
C PHE B 4 -25.16 -21.79 4.36
N GLY B 5 -25.14 -22.17 5.63
CA GLY B 5 -24.27 -23.25 6.11
C GLY B 5 -22.81 -22.80 6.16
N THR B 6 -21.89 -23.74 6.22
CA THR B 6 -20.51 -23.41 6.46
C THR B 6 -19.68 -23.15 5.20
N ILE B 7 -20.12 -23.64 4.04
CA ILE B 7 -19.36 -23.53 2.83
C ILE B 7 -20.24 -23.15 1.64
N ALA B 8 -20.32 -21.86 1.36
CA ALA B 8 -21.04 -21.38 0.18
C ALA B 8 -19.97 -21.46 -0.85
N THR B 9 -20.28 -21.96 -2.04
CA THR B 9 -19.25 -22.00 -3.11
C THR B 9 -19.63 -20.95 -4.12
N ALA B 10 -18.67 -20.09 -4.46
CA ALA B 10 -18.76 -19.13 -5.57
C ALA B 10 -18.52 -19.92 -6.88
N MET B 11 -19.59 -20.49 -7.44
CA MET B 11 -19.44 -21.43 -8.49
C MET B 11 -18.83 -20.77 -9.75
N VAL B 12 -17.92 -21.46 -10.43
CA VAL B 12 -17.52 -21.07 -11.77
C VAL B 12 -18.72 -21.23 -12.74
N THR B 13 -18.67 -20.51 -13.88
CA THR B 13 -19.65 -20.65 -14.93
C THR B 13 -19.04 -21.49 -16.07
N PRO B 14 -19.47 -22.75 -16.23
CA PRO B 14 -18.93 -23.62 -17.33
C PRO B 14 -19.25 -23.01 -18.68
N PHE B 15 -18.22 -22.95 -19.54
CA PHE B 15 -18.36 -22.44 -20.89
C PHE B 15 -18.03 -23.56 -21.86
N ASP B 16 -18.66 -23.56 -23.02
CA ASP B 16 -18.33 -24.55 -24.04
C ASP B 16 -17.16 -23.99 -24.94
N ILE B 17 -16.86 -24.71 -26.01
CA ILE B 17 -15.73 -24.41 -26.88
C ILE B 17 -15.87 -23.05 -27.54
N ASN B 18 -17.07 -22.51 -27.65
CA ASN B 18 -17.26 -21.15 -28.19
C ASN B 18 -17.33 -20.08 -27.11
N GLY B 19 -17.09 -20.40 -25.84
CA GLY B 19 -17.33 -19.38 -24.80
C GLY B 19 -18.77 -19.21 -24.30
N ASN B 20 -19.73 -19.96 -24.86
CA ASN B 20 -21.10 -19.92 -24.39
C ASN B 20 -21.29 -20.71 -23.13
N ILE B 21 -22.30 -20.31 -22.33
CA ILE B 21 -22.64 -21.07 -21.14
C ILE B 21 -22.91 -22.53 -21.55
N ASP B 22 -22.30 -23.44 -20.78
CA ASP B 22 -22.51 -24.88 -21.03
C ASP B 22 -23.49 -25.36 -19.98
N PHE B 23 -24.77 -25.54 -20.38
CA PHE B 23 -25.82 -25.91 -19.46
C PHE B 23 -25.69 -27.32 -18.90
N ALA B 24 -25.33 -28.29 -19.76
CA ALA B 24 -25.04 -29.65 -19.26
C ALA B 24 -23.90 -29.65 -18.23
N LYS B 25 -22.80 -28.93 -18.49
CA LYS B 25 -21.70 -28.91 -17.48
C LYS B 25 -22.11 -28.14 -16.22
N THR B 26 -22.96 -27.11 -16.36
CA THR B 26 -23.45 -26.39 -15.18
C THR B 26 -24.22 -27.37 -14.21
N THR B 27 -25.12 -28.17 -14.78
CA THR B 27 -25.86 -29.23 -14.09
C THR B 27 -24.89 -30.19 -13.42
N LYS B 28 -23.94 -30.66 -14.19
CA LYS B 28 -23.02 -31.60 -13.64
C LYS B 28 -22.22 -30.98 -12.46
N LEU B 29 -21.77 -29.74 -12.65
CA LEU B 29 -21.02 -29.03 -11.62
C LEU B 29 -21.87 -28.79 -10.37
N VAL B 30 -23.11 -28.31 -10.51
CA VAL B 30 -23.95 -28.12 -9.36
C VAL B 30 -24.12 -29.44 -8.55
N ASN B 31 -24.44 -30.52 -9.23
CA ASN B 31 -24.68 -31.78 -8.53
C ASN B 31 -23.38 -32.25 -7.81
N TYR B 32 -22.26 -32.03 -8.49
CA TYR B 32 -20.97 -32.37 -7.94
C TYR B 32 -20.69 -31.53 -6.66
N LEU B 33 -20.94 -30.22 -6.71
CA LEU B 33 -20.73 -29.41 -5.54
C LEU B 33 -21.57 -29.90 -4.37
N ILE B 34 -22.85 -30.17 -4.63
CA ILE B 34 -23.74 -30.50 -3.55
C ILE B 34 -23.28 -31.79 -2.87
N ASP B 35 -22.68 -32.68 -3.61
CA ASP B 35 -22.19 -33.95 -3.02
C ASP B 35 -20.79 -33.82 -2.46
N ASN B 36 -20.18 -32.64 -2.57
CA ASN B 36 -18.79 -32.49 -2.13
C ASN B 36 -18.60 -31.30 -1.15
N GLY B 37 -19.60 -31.14 -0.28
CA GLY B 37 -19.52 -30.29 0.94
C GLY B 37 -20.07 -28.88 0.77
N THR B 38 -20.59 -28.52 -0.42
CA THR B 38 -21.09 -27.16 -0.63
C THR B 38 -22.45 -27.07 -0.02
N THR B 39 -22.66 -26.10 0.85
CA THR B 39 -23.96 -25.93 1.51
C THR B 39 -24.81 -24.81 0.92
N ALA B 40 -24.27 -24.09 -0.08
CA ALA B 40 -24.98 -22.94 -0.67
C ALA B 40 -24.16 -22.58 -1.89
N ILE B 41 -24.82 -22.11 -2.93
CA ILE B 41 -24.11 -21.87 -4.19
C ILE B 41 -24.31 -20.41 -4.52
N VAL B 42 -23.18 -19.70 -4.70
CA VAL B 42 -23.17 -18.30 -5.20
C VAL B 42 -23.02 -18.38 -6.66
N VAL B 43 -24.04 -17.90 -7.38
CA VAL B 43 -24.02 -18.08 -8.85
C VAL B 43 -23.78 -16.76 -9.51
N GLY B 44 -22.88 -16.72 -10.49
CA GLY B 44 -22.57 -15.44 -11.15
C GLY B 44 -21.85 -14.48 -10.19
N GLY B 45 -21.01 -14.99 -9.31
CA GLY B 45 -20.16 -14.08 -8.53
C GLY B 45 -18.88 -13.77 -9.32
N THR B 46 -17.85 -13.23 -8.67
CA THR B 46 -16.60 -12.90 -9.39
C THR B 46 -16.02 -14.17 -9.98
N THR B 47 -16.04 -15.25 -9.21
CA THR B 47 -15.51 -16.53 -9.67
C THR B 47 -16.37 -17.07 -10.85
N GLY B 48 -17.63 -16.66 -10.93
CA GLY B 48 -18.52 -17.02 -12.07
C GLY B 48 -18.36 -16.10 -13.29
N GLU B 49 -17.29 -15.29 -13.29
CA GLU B 49 -17.03 -14.35 -14.38
C GLU B 49 -18.22 -13.48 -14.67
N SER B 50 -18.87 -12.98 -13.61
CA SER B 50 -19.94 -12.00 -13.83
C SER B 50 -19.53 -10.82 -14.78
N PRO B 51 -18.26 -10.35 -14.73
CA PRO B 51 -17.92 -9.20 -15.65
C PRO B 51 -18.12 -9.47 -17.15
N THR B 52 -17.91 -10.72 -17.60
CA THR B 52 -18.03 -11.05 -19.00
C THR B 52 -19.33 -11.74 -19.35
N LEU B 53 -20.23 -11.91 -18.39
CA LEU B 53 -21.58 -12.39 -18.74
C LEU B 53 -22.49 -11.23 -19.11
N THR B 54 -23.35 -11.39 -20.10
CA THR B 54 -24.32 -10.33 -20.35
C THR B 54 -25.42 -10.44 -19.28
N SER B 55 -26.25 -9.44 -19.24
CA SER B 55 -27.33 -9.43 -18.30
C SER B 55 -28.27 -10.65 -18.50
N GLU B 56 -28.59 -10.91 -19.75
CA GLU B 56 -29.47 -12.02 -20.11
C GLU B 56 -28.84 -13.37 -19.75
N GLU B 57 -27.55 -13.55 -20.01
CA GLU B 57 -26.87 -14.74 -19.62
C GLU B 57 -26.89 -14.88 -18.07
N LYS B 58 -26.79 -13.77 -17.32
CA LYS B 58 -26.73 -13.95 -15.86
C LYS B 58 -28.06 -14.53 -15.38
N VAL B 59 -29.15 -13.90 -15.84
CA VAL B 59 -30.46 -14.34 -15.47
C VAL B 59 -30.72 -15.80 -15.93
N ALA B 60 -30.36 -16.13 -17.19
CA ALA B 60 -30.46 -17.51 -17.63
C ALA B 60 -29.68 -18.46 -16.73
N LEU B 61 -28.49 -18.04 -16.32
CA LEU B 61 -27.69 -18.93 -15.46
C LEU B 61 -28.35 -19.07 -14.07
N TYR B 62 -28.84 -17.94 -13.54
CA TYR B 62 -29.59 -18.03 -12.29
C TYR B 62 -30.73 -19.03 -12.45
N ARG B 63 -31.56 -18.84 -13.47
CA ARG B 63 -32.74 -19.68 -13.70
C ARG B 63 -32.34 -21.17 -13.75
N HIS B 64 -31.30 -21.48 -14.51
CA HIS B 64 -30.86 -22.84 -14.67
C HIS B 64 -30.37 -23.43 -13.35
N VAL B 65 -29.55 -22.66 -12.62
CA VAL B 65 -29.00 -23.19 -11.37
C VAL B 65 -30.12 -23.43 -10.39
N VAL B 66 -31.10 -22.50 -10.30
CA VAL B 66 -32.29 -22.69 -9.47
C VAL B 66 -33.02 -24.02 -9.81
N SER B 67 -33.23 -24.31 -11.11
CA SER B 67 -33.99 -25.46 -11.44
C SER B 67 -33.17 -26.68 -11.09
N VAL B 68 -31.86 -26.67 -11.34
CA VAL B 68 -31.05 -27.85 -11.09
C VAL B 68 -30.94 -28.10 -9.57
N VAL B 69 -30.71 -27.05 -8.81
CA VAL B 69 -30.57 -27.20 -7.37
C VAL B 69 -31.87 -27.70 -6.73
N ASP B 70 -33.00 -27.21 -7.25
CA ASP B 70 -34.29 -27.66 -6.76
C ASP B 70 -34.41 -27.57 -5.22
N LYS B 71 -34.00 -26.44 -4.62
CA LYS B 71 -34.17 -26.21 -3.16
C LYS B 71 -33.27 -27.09 -2.29
N ARG B 72 -32.29 -27.80 -2.87
CA ARG B 72 -31.39 -28.61 -2.05
C ARG B 72 -30.37 -27.82 -1.21
N VAL B 73 -29.89 -26.67 -1.74
CA VAL B 73 -29.06 -25.69 -0.98
C VAL B 73 -29.55 -24.30 -1.36
N PRO B 74 -29.27 -23.27 -0.54
CA PRO B 74 -29.70 -21.95 -1.01
C PRO B 74 -28.87 -21.52 -2.25
N VAL B 75 -29.56 -20.84 -3.15
CA VAL B 75 -28.95 -20.25 -4.35
C VAL B 75 -28.91 -18.74 -4.16
N ILE B 76 -27.68 -18.23 -4.18
CA ILE B 76 -27.40 -16.81 -4.02
C ILE B 76 -26.93 -16.22 -5.37
N ALA B 77 -27.70 -15.32 -5.94
CA ALA B 77 -27.30 -14.77 -7.18
C ALA B 77 -26.44 -13.52 -6.97
N GLY B 78 -25.29 -13.45 -7.63
CA GLY B 78 -24.44 -12.22 -7.53
C GLY B 78 -24.94 -11.03 -8.36
N THR B 79 -26.00 -10.35 -7.94
CA THR B 79 -26.64 -9.37 -8.80
C THR B 79 -26.03 -7.94 -8.75
N GLY B 80 -25.22 -7.66 -7.75
CA GLY B 80 -24.79 -6.30 -7.56
C GLY B 80 -23.64 -6.02 -8.50
N SER B 81 -23.62 -4.82 -9.07
CA SER B 81 -22.49 -4.28 -9.85
C SER B 81 -22.15 -2.84 -9.25
N ASN B 82 -21.45 -2.03 -10.01
CA ASN B 82 -21.17 -0.64 -9.56
C ASN B 82 -22.23 0.35 -10.03
N ASN B 83 -23.35 -0.16 -10.52
CA ASN B 83 -24.38 0.71 -11.04
C ASN B 83 -25.62 0.32 -10.26
N THR B 84 -26.07 1.24 -9.41
CA THR B 84 -27.14 0.91 -8.44
C THR B 84 -28.44 0.55 -9.13
N HIS B 85 -28.86 1.40 -10.07
CA HIS B 85 -30.08 1.12 -10.80
C HIS B 85 -30.02 -0.18 -11.64
N ALA B 86 -28.89 -0.44 -12.33
CA ALA B 86 -28.76 -1.76 -13.00
C ALA B 86 -28.86 -2.90 -11.96
N SER B 87 -28.26 -2.71 -10.79
CA SER B 87 -28.25 -3.75 -9.74
C SER B 87 -29.67 -4.00 -9.21
N ILE B 88 -30.45 -2.92 -9.08
CA ILE B 88 -31.85 -3.07 -8.75
C ILE B 88 -32.61 -3.88 -9.87
N ASP B 89 -32.43 -3.55 -11.14
CA ASP B 89 -33.13 -4.29 -12.18
C ASP B 89 -32.74 -5.79 -12.15
N LEU B 90 -31.48 -6.07 -11.92
CA LEU B 90 -30.96 -7.46 -12.03
C LEU B 90 -31.43 -8.23 -10.82
N THR B 91 -31.45 -7.55 -9.69
CA THR B 91 -31.92 -8.17 -8.45
C THR B 91 -33.40 -8.53 -8.58
N LYS B 92 -34.23 -7.64 -9.15
CA LYS B 92 -35.59 -7.97 -9.35
C LYS B 92 -35.71 -9.17 -10.25
N LYS B 93 -34.96 -9.21 -11.34
CA LYS B 93 -35.04 -10.31 -12.26
C LYS B 93 -34.58 -11.58 -11.57
N ALA B 94 -33.49 -11.51 -10.77
CA ALA B 94 -33.12 -12.75 -10.06
C ALA B 94 -34.25 -13.17 -9.11
N THR B 95 -34.88 -12.22 -8.44
CA THR B 95 -35.95 -12.52 -7.51
C THR B 95 -37.08 -13.29 -8.23
N GLU B 96 -37.46 -12.83 -9.41
CA GLU B 96 -38.49 -13.47 -10.21
C GLU B 96 -38.10 -14.83 -10.69
N VAL B 97 -36.81 -15.16 -10.86
CA VAL B 97 -36.57 -16.52 -11.29
C VAL B 97 -36.46 -17.45 -10.07
N GLY B 98 -36.69 -16.96 -8.85
CA GLY B 98 -36.73 -17.88 -7.69
C GLY B 98 -35.39 -18.20 -6.99
N VAL B 99 -34.41 -17.32 -7.09
CA VAL B 99 -33.19 -17.48 -6.22
C VAL B 99 -33.56 -17.26 -4.78
N ASP B 100 -32.71 -17.67 -3.86
CA ASP B 100 -32.99 -17.54 -2.41
C ASP B 100 -32.40 -16.31 -1.76
N ALA B 101 -31.41 -15.67 -2.42
CA ALA B 101 -30.74 -14.52 -1.84
C ALA B 101 -29.99 -13.87 -2.94
N VAL B 102 -29.51 -12.64 -2.70
CA VAL B 102 -28.62 -11.98 -3.67
C VAL B 102 -27.41 -11.55 -2.89
N MET B 103 -26.30 -11.46 -3.60
CA MET B 103 -25.07 -11.02 -3.01
C MET B 103 -24.70 -9.76 -3.75
N LEU B 104 -24.29 -8.74 -3.02
CA LEU B 104 -24.08 -7.43 -3.64
C LEU B 104 -22.68 -6.93 -3.33
N VAL B 105 -21.88 -6.78 -4.37
CA VAL B 105 -20.45 -6.43 -4.19
C VAL B 105 -20.37 -4.91 -3.93
N ALA B 106 -19.38 -4.51 -3.15
CA ALA B 106 -18.97 -3.13 -3.10
C ALA B 106 -18.67 -2.61 -4.50
N PRO B 107 -19.28 -1.48 -4.91
CA PRO B 107 -18.97 -0.94 -6.26
C PRO B 107 -17.51 -0.78 -6.51
N TYR B 108 -17.04 -1.42 -7.57
CA TYR B 108 -15.65 -1.32 -8.03
C TYR B 108 -15.54 -0.12 -8.99
N TYR B 109 -14.30 0.30 -9.29
CA TYR B 109 -13.98 1.33 -10.31
C TYR B 109 -14.47 2.75 -10.03
N ASN B 110 -15.74 2.95 -9.68
CA ASN B 110 -16.16 4.32 -9.43
C ASN B 110 -15.94 4.87 -7.98
N LYS B 111 -15.39 4.03 -7.10
CA LYS B 111 -14.95 4.48 -5.75
C LYS B 111 -16.00 5.28 -4.95
N PRO B 112 -17.18 4.69 -4.68
CA PRO B 112 -18.19 5.45 -3.92
C PRO B 112 -17.72 5.69 -2.44
N SER B 113 -18.35 6.65 -1.77
CA SER B 113 -18.08 6.92 -0.38
C SER B 113 -18.82 5.91 0.46
N GLN B 114 -18.57 5.91 1.76
CA GLN B 114 -19.31 5.07 2.71
C GLN B 114 -20.78 5.35 2.61
N GLU B 115 -21.16 6.64 2.54
CA GLU B 115 -22.58 7.01 2.49
C GLU B 115 -23.17 6.63 1.14
N GLY B 116 -22.38 6.73 0.06
CA GLY B 116 -22.86 6.26 -1.28
C GLY B 116 -23.14 4.75 -1.26
N MET B 117 -22.29 3.99 -0.60
CA MET B 117 -22.48 2.56 -0.56
C MET B 117 -23.67 2.23 0.34
N TYR B 118 -23.81 2.97 1.46
CA TYR B 118 -24.99 2.83 2.28
C TYR B 118 -26.24 2.98 1.42
N GLN B 119 -26.31 4.02 0.59
CA GLN B 119 -27.53 4.24 -0.17
C GLN B 119 -27.69 3.23 -1.25
N HIS B 120 -26.55 2.84 -1.84
CA HIS B 120 -26.51 1.89 -2.96
C HIS B 120 -27.09 0.58 -2.42
N PHE B 121 -26.53 0.06 -1.34
CA PHE B 121 -27.01 -1.22 -0.78
C PHE B 121 -28.43 -1.14 -0.24
N LYS B 122 -28.75 -0.04 0.41
CA LYS B 122 -30.12 0.17 0.90
C LYS B 122 -31.14 0.12 -0.20
N ALA B 123 -30.87 0.81 -1.32
CA ALA B 123 -31.86 0.89 -2.38
C ALA B 123 -32.01 -0.48 -3.08
N ILE B 124 -30.94 -1.24 -3.19
CA ILE B 124 -31.07 -2.54 -3.86
C ILE B 124 -31.80 -3.52 -2.92
N ALA B 125 -31.42 -3.50 -1.64
CA ALA B 125 -32.04 -4.40 -0.67
C ALA B 125 -33.59 -4.13 -0.56
N GLU B 126 -34.02 -2.89 -0.76
CA GLU B 126 -35.46 -2.53 -0.77
C GLU B 126 -36.12 -2.99 -2.04
N SER B 127 -35.35 -3.34 -3.08
CA SER B 127 -35.99 -3.70 -4.30
C SER B 127 -36.50 -5.17 -4.26
N THR B 128 -36.12 -5.91 -3.21
CA THR B 128 -36.47 -7.32 -3.14
C THR B 128 -36.79 -7.74 -1.72
N PRO B 129 -37.69 -8.73 -1.55
CA PRO B 129 -37.91 -9.23 -0.21
C PRO B 129 -36.85 -10.29 0.15
N LEU B 130 -36.00 -10.72 -0.80
CA LEU B 130 -35.02 -11.74 -0.49
C LEU B 130 -33.93 -11.23 0.45
N PRO B 131 -33.30 -12.17 1.19
CA PRO B 131 -32.11 -12.00 1.97
C PRO B 131 -30.99 -11.47 1.05
N VAL B 132 -30.20 -10.54 1.59
CA VAL B 132 -29.07 -9.90 0.91
C VAL B 132 -27.80 -10.18 1.66
N MET B 133 -26.78 -10.58 0.92
CA MET B 133 -25.46 -10.74 1.49
C MET B 133 -24.56 -9.63 0.87
N LEU B 134 -23.96 -8.78 1.69
CA LEU B 134 -22.94 -7.84 1.26
C LEU B 134 -21.68 -8.59 0.89
N TYR B 135 -20.87 -7.97 0.05
CA TYR B 135 -19.59 -8.56 -0.34
C TYR B 135 -18.54 -7.47 -0.39
N ASN B 136 -17.67 -7.56 0.63
CA ASN B 136 -16.56 -6.61 0.80
C ASN B 136 -15.33 -7.21 0.13
N VAL B 137 -14.71 -6.50 -0.80
CA VAL B 137 -13.59 -7.05 -1.55
C VAL B 137 -12.69 -5.87 -2.05
N PRO B 138 -12.03 -5.19 -1.09
CA PRO B 138 -11.09 -4.12 -1.43
C PRO B 138 -10.02 -4.50 -2.43
N GLY B 139 -9.61 -5.76 -2.51
CA GLY B 139 -8.50 -6.09 -3.49
C GLY B 139 -9.04 -6.15 -4.91
N ARG B 140 -10.36 -5.95 -5.04
CA ARG B 140 -10.95 -5.75 -6.38
C ARG B 140 -11.70 -4.45 -6.50
N SER B 141 -12.33 -3.95 -5.45
CA SER B 141 -13.10 -2.70 -5.58
C SER B 141 -12.41 -1.44 -5.07
N ILE B 142 -11.25 -1.64 -4.43
CA ILE B 142 -10.42 -0.56 -3.85
C ILE B 142 -11.04 -0.12 -2.57
N VAL B 143 -12.26 0.40 -2.64
CA VAL B 143 -12.96 0.78 -1.42
C VAL B 143 -13.29 -0.45 -0.57
N GLN B 144 -13.47 -0.16 0.70
CA GLN B 144 -14.02 -1.14 1.59
C GLN B 144 -15.26 -0.62 2.26
N ILE B 145 -16.19 -1.54 2.51
CA ILE B 145 -17.37 -1.20 3.28
C ILE B 145 -16.92 -1.14 4.72
N SER B 146 -16.89 0.03 5.33
CA SER B 146 -16.40 0.14 6.72
C SER B 146 -17.27 -0.62 7.67
N VAL B 147 -16.67 -1.01 8.80
CA VAL B 147 -17.42 -1.63 9.86
C VAL B 147 -18.74 -0.93 10.14
N ASP B 148 -18.67 0.38 10.36
CA ASP B 148 -19.88 1.12 10.72
C ASP B 148 -20.88 1.08 9.60
N THR B 149 -20.43 1.10 8.35
CA THR B 149 -21.42 0.98 7.28
C THR B 149 -22.07 -0.42 7.26
N VAL B 150 -21.25 -1.46 7.45
CA VAL B 150 -21.76 -2.81 7.55
C VAL B 150 -22.79 -2.88 8.68
N VAL B 151 -22.44 -2.39 9.87
CA VAL B 151 -23.39 -2.33 10.99
C VAL B 151 -24.66 -1.62 10.65
N ARG B 152 -24.59 -0.41 10.08
CA ARG B 152 -25.81 0.30 9.72
C ARG B 152 -26.65 -0.56 8.75
N LEU B 153 -25.99 -1.21 7.78
CA LEU B 153 -26.73 -2.01 6.76
C LEU B 153 -27.33 -3.26 7.40
N SER B 154 -26.63 -3.81 8.39
CA SER B 154 -27.16 -5.03 9.06
C SER B 154 -28.48 -4.77 9.79
N GLU B 155 -28.81 -3.53 10.09
CA GLU B 155 -30.07 -3.24 10.78
C GLU B 155 -31.23 -3.26 9.79
N ILE B 156 -30.90 -3.30 8.50
CA ILE B 156 -31.96 -3.48 7.53
C ILE B 156 -32.41 -4.97 7.57
N GLU B 157 -33.73 -5.15 7.60
CA GLU B 157 -34.32 -6.48 7.85
C GLU B 157 -33.77 -7.62 6.93
N ASN B 158 -33.66 -7.36 5.61
CA ASN B 158 -33.21 -8.42 4.67
C ASN B 158 -31.72 -8.44 4.36
N ILE B 159 -30.95 -7.59 5.02
CA ILE B 159 -29.50 -7.64 4.90
C ILE B 159 -29.03 -8.47 6.05
N VAL B 160 -28.62 -9.70 5.73
CA VAL B 160 -28.50 -10.74 6.72
C VAL B 160 -27.08 -11.27 6.81
N ALA B 161 -26.20 -10.94 5.86
CA ALA B 161 -24.88 -11.53 5.88
C ALA B 161 -23.87 -10.63 5.17
N ILE B 162 -22.60 -10.97 5.34
CA ILE B 162 -21.53 -10.36 4.56
C ILE B 162 -20.48 -11.42 4.24
N ASP B 164 -16.80 -11.42 3.48
CA ASP B 164 -15.79 -10.43 3.73
C ASP B 164 -14.51 -10.91 3.19
N ALA B 165 -14.12 -10.36 2.02
CA ALA B 165 -12.88 -10.76 1.36
C ALA B 165 -11.83 -9.70 1.60
N GLY B 166 -11.99 -8.94 2.67
CA GLY B 166 -10.98 -7.96 3.12
C GLY B 166 -9.69 -8.57 3.67
N GLY B 167 -9.64 -9.87 3.96
CA GLY B 167 -8.38 -10.52 4.38
C GLY B 167 -8.01 -10.20 5.80
N ASP B 168 -8.93 -9.65 6.59
CA ASP B 168 -8.60 -9.15 7.95
C ASP B 168 -9.62 -9.73 8.95
N VAL B 169 -9.20 -10.74 9.74
CA VAL B 169 -10.10 -11.31 10.73
C VAL B 169 -10.43 -10.36 11.91
N LEU B 170 -9.64 -9.32 12.13
CA LEU B 170 -10.00 -8.34 13.16
C LEU B 170 -11.16 -7.40 12.78
N THR B 171 -11.23 -6.98 11.51
CA THR B 171 -12.45 -6.25 11.11
C THR B 171 -13.67 -7.23 11.13
N MET B 172 -13.51 -8.46 10.64
CA MET B 172 -14.55 -9.47 10.81
C MET B 172 -15.00 -9.57 12.30
N THR B 173 -14.01 -9.68 13.22
CA THR B 173 -14.29 -9.69 14.68
C THR B 173 -15.15 -8.51 15.08
N GLU B 174 -14.83 -7.34 14.55
CA GLU B 174 -15.51 -6.16 14.95
C GLU B 174 -16.95 -6.09 14.37
N ILE B 175 -17.12 -6.62 13.15
CA ILE B 175 -18.44 -6.72 12.54
C ILE B 175 -19.29 -7.68 13.35
N ILE B 176 -18.71 -8.82 13.71
CA ILE B 176 -19.42 -9.79 14.53
C ILE B 176 -19.89 -9.17 15.83
N GLU B 177 -19.03 -8.45 16.52
CA GLU B 177 -19.40 -7.88 17.81
C GLU B 177 -20.53 -6.85 17.69
N LYS B 178 -20.38 -5.90 16.76
CA LYS B 178 -21.29 -4.80 16.69
C LYS B 178 -22.62 -5.08 16.02
N THR B 179 -22.74 -6.18 15.29
CA THR B 179 -24.01 -6.50 14.64
C THR B 179 -24.78 -7.50 15.53
N ALA B 180 -26.09 -7.58 15.33
CA ALA B 180 -26.93 -8.53 16.06
C ALA B 180 -26.45 -9.97 15.80
N ASP B 181 -26.92 -10.92 16.60
CA ASP B 181 -26.50 -12.31 16.50
C ASP B 181 -27.04 -12.99 15.26
N ASP B 182 -28.06 -12.43 14.64
CA ASP B 182 -28.56 -13.05 13.47
C ASP B 182 -27.93 -12.45 12.19
N PHE B 183 -26.84 -11.73 12.32
CA PHE B 183 -26.12 -11.27 11.15
C PHE B 183 -24.91 -12.18 10.94
N ALA B 184 -24.80 -12.86 9.79
CA ALA B 184 -23.77 -13.90 9.62
C ALA B 184 -22.58 -13.30 8.91
N VAL B 185 -21.42 -13.56 9.45
CA VAL B 185 -20.21 -13.10 8.81
C VAL B 185 -19.43 -14.27 8.21
N TYR B 186 -19.14 -14.18 6.91
CA TYR B 186 -18.37 -15.25 6.20
C TYR B 186 -17.03 -14.72 5.82
N SER B 187 -15.99 -15.56 5.86
CA SER B 187 -14.72 -15.13 5.25
C SER B 187 -14.98 -15.17 3.75
N GLY B 188 -14.34 -14.29 2.97
CA GLY B 188 -14.35 -14.38 1.55
C GLY B 188 -12.98 -14.90 1.10
N ASP B 189 -12.13 -15.43 2.02
CA ASP B 189 -10.78 -15.91 1.66
C ASP B 189 -10.60 -17.32 2.19
N ASP B 190 -10.45 -18.29 1.30
CA ASP B 190 -10.37 -19.65 1.67
C ASP B 190 -9.34 -19.90 2.74
N GLY B 191 -8.15 -19.33 2.61
CA GLY B 191 -7.05 -19.67 3.55
C GLY B 191 -7.39 -19.21 4.95
N LEU B 192 -8.26 -18.20 5.04
CA LEU B 192 -8.68 -17.73 6.35
C LEU B 192 -9.90 -18.45 6.91
N THR B 193 -10.41 -19.48 6.21
CA THR B 193 -11.56 -20.23 6.79
C THR B 193 -11.45 -20.53 8.32
N LEU B 194 -10.40 -21.23 8.71
CA LEU B 194 -10.24 -21.69 10.09
C LEU B 194 -10.04 -20.51 11.04
N PRO B 195 -9.12 -19.57 10.67
CA PRO B 195 -8.93 -18.50 11.69
C PRO B 195 -10.13 -17.61 11.78
N ALA B 196 -10.88 -17.42 10.66
CA ALA B 196 -12.09 -16.57 10.72
C ALA B 196 -13.17 -17.31 11.59
N MET B 197 -13.30 -18.62 11.40
CA MET B 197 -14.31 -19.34 12.21
C MET B 197 -13.88 -19.34 13.70
N ALA B 198 -12.58 -19.48 13.96
CA ALA B 198 -12.05 -19.32 15.31
C ALA B 198 -12.59 -18.04 15.95
N VAL B 199 -12.74 -16.95 15.19
CA VAL B 199 -13.18 -15.71 15.83
C VAL B 199 -14.70 -15.52 15.76
N GLY B 200 -15.42 -16.49 15.19
CA GLY B 200 -16.90 -16.46 15.20
C GLY B 200 -17.50 -16.28 13.81
N ALA B 201 -16.67 -16.36 12.77
CA ALA B 201 -17.22 -16.33 11.42
C ALA B 201 -18.10 -17.57 11.23
N LYS B 202 -19.19 -17.41 10.47
CA LYS B 202 -20.09 -18.53 10.12
C LYS B 202 -19.48 -19.54 9.18
N GLY B 203 -18.57 -19.11 8.30
CA GLY B 203 -17.95 -20.10 7.40
C GLY B 203 -17.27 -19.33 6.29
N ILE B 204 -17.27 -19.92 5.08
CA ILE B 204 -16.43 -19.44 3.95
C ILE B 204 -17.31 -19.37 2.70
N VAL B 205 -17.20 -18.30 1.92
CA VAL B 205 -17.64 -18.28 0.54
C VAL B 205 -16.38 -18.62 -0.22
N SER B 206 -16.41 -19.79 -0.82
CA SER B 206 -15.19 -20.49 -1.18
C SER B 206 -14.99 -20.62 -2.68
N VAL B 207 -13.72 -20.73 -3.07
CA VAL B 207 -13.38 -21.10 -4.41
C VAL B 207 -12.76 -22.52 -4.38
N ALA B 208 -11.88 -22.76 -3.41
CA ALA B 208 -11.14 -24.01 -3.31
C ALA B 208 -12.12 -25.25 -3.13
N SER B 209 -13.33 -24.98 -2.66
CA SER B 209 -14.34 -26.03 -2.42
C SER B 209 -14.74 -26.72 -3.73
N HIS B 210 -14.35 -26.14 -4.88
CA HIS B 210 -14.59 -26.83 -6.17
C HIS B 210 -13.70 -28.08 -6.22
N VAL B 211 -12.60 -28.09 -5.49
CA VAL B 211 -11.67 -29.26 -5.58
C VAL B 211 -11.37 -29.91 -4.25
N ILE B 212 -11.55 -29.20 -3.12
CA ILE B 212 -11.30 -29.84 -1.85
C ILE B 212 -12.41 -29.57 -0.86
N GLY B 213 -13.66 -29.54 -1.36
CA GLY B 213 -14.78 -29.23 -0.47
C GLY B 213 -14.90 -30.28 0.61
N ASN B 214 -14.67 -31.56 0.31
CA ASN B 214 -14.73 -32.57 1.40
C ASN B 214 -13.71 -32.32 2.51
N GLU B 215 -12.48 -31.97 2.15
CA GLU B 215 -11.40 -31.72 3.16
C GLU B 215 -11.76 -30.52 3.98
N MET B 216 -12.37 -29.53 3.29
CA MET B 216 -12.82 -28.29 3.99
C MET B 216 -13.82 -28.63 5.06
N GLN B 217 -14.85 -29.40 4.68
CA GLN B 217 -15.80 -29.92 5.68
C GLN B 217 -15.18 -30.71 6.84
N GLU B 218 -14.24 -31.61 6.55
CA GLU B 218 -13.57 -32.34 7.60
C GLU B 218 -12.80 -31.40 8.52
N MET B 219 -12.11 -30.46 7.94
CA MET B 219 -11.40 -29.38 8.72
C MET B 219 -12.34 -28.62 9.62
N ILE B 220 -13.50 -28.18 9.10
CA ILE B 220 -14.38 -27.44 9.91
C ILE B 220 -14.88 -28.30 11.06
N ALA B 221 -15.32 -29.54 10.74
CA ALA B 221 -15.77 -30.49 11.79
C ALA B 221 -14.65 -30.84 12.78
N ALA B 222 -13.42 -31.11 12.32
CA ALA B 222 -12.36 -31.37 13.25
C ALA B 222 -12.21 -30.18 14.21
N PHE B 223 -12.19 -28.99 13.64
CA PHE B 223 -12.02 -27.79 14.41
C PHE B 223 -13.11 -27.68 15.47
N GLN B 224 -14.38 -27.73 15.07
CA GLN B 224 -15.53 -27.60 15.97
C GLN B 224 -15.54 -28.69 17.07
N ALA B 225 -14.89 -29.83 16.83
CA ALA B 225 -14.82 -30.88 17.81
C ALA B 225 -13.59 -30.71 18.69
N GLY B 226 -12.76 -29.70 18.41
CA GLY B 226 -11.55 -29.47 19.18
C GLY B 226 -10.43 -30.40 18.79
N GLU B 227 -10.52 -31.07 17.63
CA GLU B 227 -9.41 -31.88 17.12
C GLU B 227 -8.37 -31.01 16.37
N PHE B 228 -7.56 -30.29 17.14
CA PHE B 228 -6.86 -29.12 16.61
C PHE B 228 -5.81 -29.50 15.65
N LYS B 229 -5.09 -30.55 15.98
CA LYS B 229 -3.99 -30.97 15.12
C LYS B 229 -4.47 -31.48 13.75
N LYS B 230 -5.63 -32.17 13.75
CA LYS B 230 -6.32 -32.61 12.51
C LYS B 230 -6.82 -31.33 11.68
N ALA B 231 -7.45 -30.39 12.36
CA ALA B 231 -7.91 -29.18 11.67
C ALA B 231 -6.69 -28.49 10.95
N GLN B 232 -5.54 -28.47 11.65
CA GLN B 232 -4.39 -27.70 11.25
C GLN B 232 -3.75 -28.30 10.03
N LYS B 233 -3.65 -29.62 10.01
CA LYS B 233 -3.11 -30.34 8.89
C LYS B 233 -3.96 -30.05 7.63
N LEU B 234 -5.29 -30.10 7.77
CA LEU B 234 -6.17 -29.84 6.59
C LEU B 234 -6.18 -28.34 6.20
N HIS B 235 -6.12 -27.44 7.23
CA HIS B 235 -5.90 -26.03 7.02
C HIS B 235 -4.64 -25.77 6.15
N GLN B 236 -3.55 -26.47 6.47
CA GLN B 236 -2.31 -26.36 5.66
C GLN B 236 -2.57 -26.79 4.21
N LEU B 237 -3.34 -27.85 4.03
CA LEU B 237 -3.73 -28.31 2.69
C LEU B 237 -4.58 -27.22 2.02
N LEU B 238 -5.59 -26.71 2.72
CA LEU B 238 -6.42 -25.63 2.21
C LEU B 238 -5.60 -24.44 1.73
N VAL B 239 -4.63 -24.03 2.55
CA VAL B 239 -3.86 -22.82 2.19
C VAL B 239 -3.02 -23.04 0.93
N ARG B 240 -2.35 -24.17 0.88
CA ARG B 240 -1.47 -24.55 -0.21
C ARG B 240 -2.28 -24.67 -1.53
N VAL B 241 -3.40 -25.39 -1.48
CA VAL B 241 -4.28 -25.50 -2.65
C VAL B 241 -4.81 -24.14 -3.05
N THR B 242 -5.25 -23.32 -2.10
CA THR B 242 -5.81 -21.99 -2.40
C THR B 242 -4.76 -21.15 -3.15
N ASP B 243 -3.53 -21.14 -2.64
CA ASP B 243 -2.47 -20.35 -3.26
C ASP B 243 -2.27 -20.79 -4.71
N SER B 244 -2.22 -22.08 -4.98
CA SER B 244 -2.09 -22.50 -6.39
C SER B 244 -3.27 -22.05 -7.30
N LEU B 245 -4.43 -21.84 -6.72
CA LEU B 245 -5.63 -21.44 -7.46
C LEU B 245 -5.65 -19.96 -7.73
N PHE B 246 -4.67 -19.25 -7.16
CA PHE B 246 -4.55 -17.82 -7.37
C PHE B 246 -3.24 -17.39 -7.98
N MET B 247 -2.52 -18.33 -8.60
CA MET B 247 -1.26 -17.95 -9.25
C MET B 247 -1.47 -17.28 -10.61
N ALA B 248 -2.71 -17.28 -11.12
CA ALA B 248 -3.04 -16.57 -12.35
C ALA B 248 -4.45 -16.04 -12.07
N PRO B 249 -4.90 -15.04 -12.81
CA PRO B 249 -6.20 -14.44 -12.50
C PRO B 249 -7.37 -15.49 -12.36
N SER B 250 -8.08 -15.48 -11.25
CA SER B 250 -9.16 -16.42 -10.98
C SER B 250 -10.31 -16.03 -11.91
N PRO B 251 -11.06 -17.02 -12.43
CA PRO B 251 -11.07 -18.44 -12.00
C PRO B 251 -10.33 -19.35 -12.95
N THR B 252 -9.44 -18.86 -13.80
CA THR B 252 -8.82 -19.82 -14.73
C THR B 252 -8.15 -21.02 -14.02
N PRO B 253 -7.39 -20.78 -12.93
CA PRO B 253 -6.77 -21.93 -12.28
C PRO B 253 -7.79 -22.96 -11.74
N VAL B 254 -8.87 -22.52 -11.08
CA VAL B 254 -9.87 -23.46 -10.55
C VAL B 254 -10.64 -24.15 -11.65
N LYS B 255 -11.00 -23.44 -12.73
CA LYS B 255 -11.51 -24.16 -13.92
C LYS B 255 -10.52 -25.22 -14.48
N THR B 256 -9.22 -24.91 -14.48
CA THR B 256 -8.25 -25.87 -14.98
C THR B 256 -8.12 -27.04 -14.00
N ALA B 257 -8.24 -26.77 -12.70
CA ALA B 257 -8.13 -27.80 -11.68
C ALA B 257 -9.32 -28.76 -11.77
N LEU B 258 -10.50 -28.21 -12.03
CA LEU B 258 -11.67 -29.02 -12.25
C LEU B 258 -11.48 -29.96 -13.45
N GLN B 259 -10.98 -29.46 -14.57
CA GLN B 259 -10.66 -30.28 -15.75
C GLN B 259 -9.67 -31.39 -15.35
N MET B 260 -8.66 -31.03 -14.57
CA MET B 260 -7.66 -32.00 -14.14
C MET B 260 -8.23 -33.11 -13.30
N VAL B 261 -9.28 -32.86 -12.51
CA VAL B 261 -9.90 -33.91 -11.69
C VAL B 261 -11.13 -34.53 -12.37
N GLY B 262 -11.22 -34.40 -13.69
CA GLY B 262 -12.28 -35.07 -14.50
C GLY B 262 -13.60 -34.31 -14.67
N LEU B 263 -13.66 -33.01 -14.33
CA LEU B 263 -14.87 -32.26 -14.50
C LEU B 263 -14.57 -30.99 -15.37
N ASP B 264 -14.67 -31.14 -16.68
CA ASP B 264 -14.19 -30.13 -17.59
C ASP B 264 -15.30 -29.10 -17.67
N VAL B 265 -14.98 -27.87 -17.30
CA VAL B 265 -15.96 -26.78 -17.30
C VAL B 265 -15.53 -25.71 -18.33
N GLY B 266 -14.70 -26.10 -19.30
CA GLY B 266 -14.27 -25.21 -20.36
C GLY B 266 -13.28 -24.13 -19.86
N SER B 267 -13.15 -23.05 -20.62
CA SER B 267 -12.07 -22.09 -20.33
C SER B 267 -12.77 -20.78 -19.85
N VAL B 268 -12.16 -19.63 -20.16
CA VAL B 268 -12.60 -18.36 -19.57
C VAL B 268 -12.75 -17.39 -20.72
N ARG B 269 -13.45 -16.28 -20.48
CA ARG B 269 -13.63 -15.23 -21.46
C ARG B 269 -12.61 -14.11 -21.24
N LEU B 270 -12.18 -13.52 -22.36
CA LEU B 270 -11.30 -12.33 -22.36
C LEU B 270 -11.98 -11.23 -21.53
N PRO B 271 -11.21 -10.56 -20.64
CA PRO B 271 -9.74 -10.45 -20.69
C PRO B 271 -8.96 -11.55 -19.92
N LEU B 272 -9.64 -12.58 -19.40
CA LEU B 272 -8.90 -13.73 -18.84
C LEU B 272 -8.44 -14.70 -19.96
N LEU B 273 -7.36 -15.42 -19.69
CA LEU B 273 -6.73 -16.31 -20.65
C LEU B 273 -6.51 -17.70 -20.03
N PRO B 274 -6.40 -18.76 -20.88
CA PRO B 274 -6.06 -20.09 -20.37
C PRO B 274 -4.71 -20.05 -19.73
N LEU B 275 -4.50 -20.92 -18.76
CA LEU B 275 -3.16 -21.11 -18.17
C LEU B 275 -2.13 -21.40 -19.26
N THR B 276 -0.92 -20.90 -19.15
CA THR B 276 0.16 -21.34 -20.09
C THR B 276 0.53 -22.79 -19.70
N GLU B 277 1.22 -23.48 -20.61
CA GLU B 277 1.70 -24.87 -20.31
C GLU B 277 2.46 -24.97 -18.97
N GLU B 278 3.34 -24.00 -18.72
CA GLU B 278 4.17 -23.96 -17.50
C GLU B 278 3.25 -23.77 -16.29
N GLU B 279 2.25 -22.90 -16.43
CA GLU B 279 1.32 -22.73 -15.31
C GLU B 279 0.58 -24.05 -15.06
N ARG B 280 0.22 -24.72 -16.12
CA ARG B 280 -0.58 -25.90 -16.00
C ARG B 280 0.19 -26.96 -15.24
N VAL B 281 1.46 -27.07 -15.59
CA VAL B 281 2.36 -28.08 -15.02
C VAL B 281 2.49 -27.80 -13.54
N THR B 282 2.65 -26.53 -13.21
CA THR B 282 2.76 -26.17 -11.80
C THR B 282 1.46 -26.45 -11.03
N LEU B 283 0.30 -26.09 -11.60
CA LEU B 283 -0.97 -26.38 -10.91
C LEU B 283 -1.18 -27.92 -10.80
N GLN B 284 -0.90 -28.63 -11.87
CA GLN B 284 -1.05 -30.08 -11.86
C GLN B 284 -0.26 -30.72 -10.70
N SER B 285 0.94 -30.22 -10.43
CA SER B 285 1.70 -30.75 -9.31
C SER B 285 1.08 -30.53 -7.96
N VAL B 286 0.54 -29.33 -7.69
CA VAL B 286 -0.18 -29.14 -6.44
C VAL B 286 -1.41 -30.06 -6.38
N MET B 287 -2.15 -30.22 -7.48
CA MET B 287 -3.34 -31.06 -7.48
C MET B 287 -2.96 -32.57 -7.16
N GLN B 288 -1.85 -33.03 -7.72
CA GLN B 288 -1.34 -34.40 -7.44
C GLN B 288 -0.88 -34.56 -6.01
N SER B 289 -0.57 -33.47 -5.32
CA SER B 289 -0.21 -33.48 -3.91
C SER B 289 -1.38 -33.54 -2.92
N ILE B 290 -2.62 -33.46 -3.40
CA ILE B 290 -3.76 -33.63 -2.50
C ILE B 290 -3.87 -35.14 -2.12
N PRO B 291 -3.82 -35.47 -0.79
CA PRO B 291 -3.95 -36.88 -0.41
C PRO B 291 -5.27 -37.45 -0.97
N ARG B 292 -5.19 -38.62 -1.61
CA ARG B 292 -6.38 -39.28 -2.14
C ARG B 292 -6.84 -40.43 -1.28
N MET C 1 14.29 -27.84 24.52
CA MET C 1 14.88 -26.48 24.53
C MET C 1 13.88 -25.49 25.13
N ILE C 2 14.16 -24.21 24.93
CA ILE C 2 13.54 -23.21 25.77
C ILE C 2 12.03 -23.04 25.44
N ASP C 3 11.26 -22.78 26.47
CA ASP C 3 9.83 -22.71 26.34
C ASP C 3 9.38 -21.34 26.85
N PHE C 4 8.94 -20.49 25.93
CA PHE C 4 8.48 -19.18 26.32
C PHE C 4 7.01 -19.16 26.77
N GLY C 5 6.32 -20.29 26.64
CA GLY C 5 4.91 -20.40 27.07
C GLY C 5 4.02 -19.69 26.06
N THR C 6 2.80 -19.41 26.46
CA THR C 6 1.84 -18.87 25.56
C THR C 6 1.82 -17.36 25.54
N ILE C 7 2.22 -16.68 26.63
CA ILE C 7 2.24 -15.19 26.62
C ILE C 7 3.58 -14.54 27.03
N ALA C 8 4.40 -14.16 26.05
CA ALA C 8 5.62 -13.45 26.33
C ALA C 8 5.17 -11.95 26.36
N THR C 9 5.57 -11.20 27.36
CA THR C 9 5.16 -9.80 27.39
C THR C 9 6.29 -8.92 26.96
N ALA C 10 6.04 -8.05 25.97
CA ALA C 10 7.06 -7.07 25.59
C ALA C 10 6.97 -5.95 26.63
N MET C 11 7.67 -6.07 27.78
CA MET C 11 7.47 -5.13 28.88
C MET C 11 7.82 -3.72 28.50
N VAL C 12 7.00 -2.75 28.92
CA VAL C 12 7.45 -1.37 28.93
C VAL C 12 8.69 -1.15 29.82
N THR C 13 9.44 -0.10 29.50
CA THR C 13 10.55 0.31 30.39
C THR C 13 10.06 1.48 31.26
N PRO C 14 9.81 1.23 32.58
CA PRO C 14 9.34 2.36 33.46
C PRO C 14 10.38 3.49 33.54
N PHE C 15 9.93 4.73 33.32
CA PHE C 15 10.83 5.87 33.50
C PHE C 15 10.34 6.76 34.69
N ASP C 16 11.26 7.47 35.33
CA ASP C 16 10.83 8.54 36.26
C ASP C 16 10.47 9.84 35.49
N ILE C 17 10.15 10.89 36.24
CA ILE C 17 9.69 12.14 35.67
C ILE C 17 10.74 12.69 34.70
N ASN C 18 12.01 12.42 34.96
CA ASN C 18 13.09 12.90 34.10
C ASN C 18 13.49 11.93 32.94
N GLY C 19 12.71 10.87 32.70
CA GLY C 19 13.04 9.95 31.60
C GLY C 19 14.07 8.90 31.96
N ASN C 20 14.57 8.92 33.19
CA ASN C 20 15.57 7.91 33.57
C ASN C 20 14.86 6.62 33.87
N ILE C 21 15.57 5.50 33.71
CA ILE C 21 14.95 4.22 34.01
C ILE C 21 14.59 4.19 35.51
N ASP C 22 13.42 3.70 35.84
CA ASP C 22 13.00 3.65 37.25
C ASP C 22 13.06 2.17 37.65
N PHE C 23 14.18 1.79 38.26
CA PHE C 23 14.45 0.38 38.44
C PHE C 23 13.50 -0.23 39.50
N ALA C 24 13.04 0.59 40.47
CA ALA C 24 12.19 0.02 41.52
C ALA C 24 10.81 -0.24 40.93
N LYS C 25 10.40 0.65 40.06
CA LYS C 25 9.11 0.44 39.36
C LYS C 25 9.21 -0.76 38.39
N THR C 26 10.40 -0.98 37.81
CA THR C 26 10.61 -2.14 36.97
C THR C 26 10.40 -3.43 37.77
N THR C 27 10.98 -3.47 38.96
CA THR C 27 10.72 -4.57 39.91
C THR C 27 9.24 -4.82 40.10
N LYS C 28 8.44 -3.80 40.45
CA LYS C 28 7.04 -3.99 40.69
C LYS C 28 6.36 -4.53 39.39
N LEU C 29 6.64 -3.92 38.23
CA LEU C 29 6.03 -4.35 36.95
C LEU C 29 6.34 -5.82 36.62
N VAL C 30 7.60 -6.23 36.74
CA VAL C 30 7.98 -7.61 36.47
C VAL C 30 7.14 -8.55 37.34
N ASN C 31 7.12 -8.29 38.66
CA ASN C 31 6.37 -9.20 39.58
C ASN C 31 4.89 -9.16 39.27
N TYR C 32 4.38 -7.99 38.94
CA TYR C 32 3.00 -7.86 38.53
C TYR C 32 2.71 -8.72 37.29
N LEU C 33 3.63 -8.73 36.30
CA LEU C 33 3.43 -9.43 35.05
C LEU C 33 3.43 -10.91 35.30
N ILE C 34 4.40 -11.37 36.07
CA ILE C 34 4.58 -12.75 36.29
C ILE C 34 3.38 -13.31 37.06
N ASP C 35 2.71 -12.48 37.86
CA ASP C 35 1.56 -12.97 38.53
C ASP C 35 0.25 -12.71 37.77
N ASN C 36 0.34 -12.13 36.57
CA ASN C 36 -0.85 -11.89 35.77
C ASN C 36 -0.71 -12.47 34.37
N GLY C 37 -0.18 -13.69 34.26
CA GLY C 37 -0.35 -14.46 33.03
C GLY C 37 0.82 -14.40 32.08
N THR C 38 1.83 -13.62 32.40
CA THR C 38 3.06 -13.55 31.55
C THR C 38 3.91 -14.77 31.81
N THR C 39 4.30 -15.45 30.74
CA THR C 39 5.08 -16.65 30.84
C THR C 39 6.54 -16.42 30.35
N ALA C 40 6.86 -15.27 29.78
CA ALA C 40 8.25 -14.97 29.38
C ALA C 40 8.32 -13.44 29.24
N ILE C 41 9.46 -12.85 29.60
CA ILE C 41 9.58 -11.39 29.50
C ILE C 41 10.57 -10.97 28.43
N VAL C 42 10.04 -10.19 27.48
CA VAL C 42 10.84 -9.51 26.46
C VAL C 42 11.18 -8.10 26.98
N VAL C 43 12.48 -7.90 27.23
CA VAL C 43 12.95 -6.69 27.89
C VAL C 43 13.63 -5.84 26.82
N GLY C 44 13.29 -4.57 26.73
CA GLY C 44 14.02 -3.72 25.72
C GLY C 44 13.58 -4.04 24.30
N GLY C 45 12.31 -4.41 24.15
CA GLY C 45 11.82 -4.53 22.78
C GLY C 45 11.29 -3.21 22.30
N THR C 46 10.56 -3.25 21.20
CA THR C 46 9.94 -1.99 20.69
C THR C 46 9.12 -1.32 21.77
N THR C 47 8.32 -2.13 22.45
CA THR C 47 7.39 -1.61 23.48
C THR C 47 8.16 -1.07 24.69
N GLY C 48 9.39 -1.57 24.86
CA GLY C 48 10.28 -1.15 25.95
C GLY C 48 11.07 0.10 25.54
N GLU C 49 10.66 0.73 24.43
CA GLU C 49 11.40 1.88 23.91
C GLU C 49 12.91 1.68 23.66
N SER C 50 13.29 0.53 23.11
CA SER C 50 14.73 0.27 22.75
C SER C 50 15.35 1.36 21.91
N PRO C 51 14.60 1.99 20.99
CA PRO C 51 15.24 3.06 20.18
C PRO C 51 15.80 4.23 20.98
N THR C 52 15.17 4.56 22.12
CA THR C 52 15.59 5.72 22.89
C THR C 52 16.41 5.33 24.12
N LEU C 53 16.75 4.05 24.27
CA LEU C 53 17.65 3.62 25.39
C LEU C 53 19.06 3.57 24.83
N THR C 54 20.06 3.98 25.60
CA THR C 54 21.44 3.82 25.18
C THR C 54 21.82 2.37 25.41
N SER C 55 22.94 1.97 24.83
CA SER C 55 23.40 0.65 24.95
C SER C 55 23.66 0.31 26.43
N GLU C 56 24.14 1.28 27.18
CA GLU C 56 24.41 1.08 28.57
C GLU C 56 23.10 0.92 29.40
N GLU C 57 22.10 1.76 29.14
CA GLU C 57 20.83 1.59 29.76
C GLU C 57 20.19 0.22 29.42
N LYS C 58 20.40 -0.27 28.20
CA LYS C 58 19.85 -1.58 27.81
C LYS C 58 20.42 -2.70 28.72
N VAL C 59 21.75 -2.80 28.77
CA VAL C 59 22.40 -3.83 29.57
C VAL C 59 21.97 -3.69 31.02
N ALA C 60 21.94 -2.46 31.55
CA ALA C 60 21.54 -2.29 32.96
C ALA C 60 20.11 -2.80 33.17
N LEU C 61 19.25 -2.59 32.18
CA LEU C 61 17.87 -2.98 32.29
C LEU C 61 17.82 -4.52 32.19
N TYR C 62 18.60 -5.11 31.27
CA TYR C 62 18.64 -6.55 31.12
C TYR C 62 19.06 -7.19 32.44
N ARG C 63 20.13 -6.70 33.03
CA ARG C 63 20.64 -7.18 34.31
C ARG C 63 19.63 -7.06 35.43
N HIS C 64 18.98 -5.90 35.55
CA HIS C 64 18.01 -5.74 36.60
C HIS C 64 16.88 -6.75 36.47
N VAL C 65 16.33 -6.86 35.26
CA VAL C 65 15.23 -7.81 35.05
C VAL C 65 15.64 -9.27 35.28
N VAL C 66 16.83 -9.67 34.81
CA VAL C 66 17.30 -11.02 35.05
C VAL C 66 17.27 -11.28 36.57
N SER C 67 17.76 -10.29 37.31
CA SER C 67 17.96 -10.50 38.71
C SER C 67 16.59 -10.55 39.45
N VAL C 68 15.62 -9.71 39.05
CA VAL C 68 14.30 -9.69 39.65
C VAL C 68 13.49 -10.93 39.24
N VAL C 69 13.62 -11.33 37.97
CA VAL C 69 12.89 -12.46 37.50
C VAL C 69 13.34 -13.74 38.25
N ASP C 70 14.63 -13.84 38.53
CA ASP C 70 15.14 -14.93 39.36
C ASP C 70 14.73 -16.31 38.80
N LYS C 71 14.89 -16.49 37.48
CA LYS C 71 14.53 -17.75 36.78
C LYS C 71 13.06 -18.15 36.81
N ARG C 72 12.15 -17.30 37.27
CA ARG C 72 10.75 -17.72 37.32
C ARG C 72 10.14 -17.88 35.91
N VAL C 73 10.55 -17.06 34.92
CA VAL C 73 10.16 -17.19 33.51
C VAL C 73 11.37 -16.77 32.62
N PRO C 74 11.38 -17.17 31.35
CA PRO C 74 12.54 -16.76 30.53
C PRO C 74 12.58 -15.25 30.29
N VAL C 75 13.81 -14.70 30.21
CA VAL C 75 14.07 -13.30 29.95
C VAL C 75 14.69 -13.23 28.58
N ILE C 76 14.00 -12.50 27.70
CA ILE C 76 14.45 -12.34 26.32
C ILE C 76 14.85 -10.88 26.15
N ALA C 77 16.10 -10.64 25.79
CA ALA C 77 16.62 -9.27 25.58
C ALA C 77 16.47 -8.90 24.13
N GLY C 78 15.79 -7.77 23.88
CA GLY C 78 15.71 -7.19 22.50
C GLY C 78 17.01 -6.62 21.97
N THR C 79 18.00 -7.44 21.69
CA THR C 79 19.34 -6.94 21.31
C THR C 79 19.56 -6.53 19.86
N GLY C 80 18.68 -6.87 18.95
CA GLY C 80 19.00 -6.57 17.54
C GLY C 80 18.61 -5.17 17.17
N SER C 81 19.40 -4.58 16.29
CA SER C 81 19.09 -3.28 15.70
C SER C 81 19.30 -3.45 14.21
N ASN C 82 19.40 -2.36 13.46
CA ASN C 82 19.68 -2.52 12.04
C ASN C 82 21.18 -2.51 11.75
N ASN C 83 21.98 -2.64 12.78
CA ASN C 83 23.46 -2.62 12.62
C ASN C 83 23.99 -3.98 13.10
N THR C 84 24.37 -4.85 12.19
CA THR C 84 24.78 -6.23 12.54
C THR C 84 25.90 -6.31 13.60
N HIS C 85 27.00 -5.57 13.41
CA HIS C 85 28.13 -5.60 14.37
C HIS C 85 27.66 -5.09 15.70
N ALA C 86 26.84 -4.01 15.71
CA ALA C 86 26.39 -3.49 17.02
C ALA C 86 25.51 -4.50 17.76
N SER C 87 24.67 -5.20 16.97
CA SER C 87 23.76 -6.24 17.45
C SER C 87 24.56 -7.38 18.07
N ILE C 88 25.67 -7.78 17.43
CA ILE C 88 26.57 -8.77 18.00
C ILE C 88 27.08 -8.31 19.36
N ASP C 89 27.64 -7.10 19.42
CA ASP C 89 28.17 -6.59 20.68
C ASP C 89 27.12 -6.50 21.79
N LEU C 90 25.92 -6.00 21.49
CA LEU C 90 24.89 -5.91 22.54
C LEU C 90 24.42 -7.32 22.98
N THR C 91 24.31 -8.21 22.00
CA THR C 91 23.93 -9.60 22.24
C THR C 91 24.93 -10.29 23.17
N LYS C 92 26.23 -10.07 22.95
CA LYS C 92 27.25 -10.60 23.86
C LYS C 92 27.10 -10.03 25.25
N LYS C 93 26.90 -8.71 25.36
CA LYS C 93 26.69 -8.15 26.68
C LYS C 93 25.40 -8.66 27.36
N ALA C 94 24.34 -8.90 26.57
CA ALA C 94 23.10 -9.40 27.18
C ALA C 94 23.42 -10.85 27.71
N THR C 95 24.13 -11.66 26.91
CA THR C 95 24.41 -13.02 27.30
C THR C 95 25.18 -13.01 28.62
N GLU C 96 26.07 -12.03 28.80
CA GLU C 96 26.89 -12.05 30.00
C GLU C 96 26.19 -11.52 31.22
N VAL C 97 25.07 -10.81 31.08
CA VAL C 97 24.28 -10.50 32.28
C VAL C 97 23.20 -11.57 32.61
N GLY C 98 23.19 -12.67 31.89
CA GLY C 98 22.37 -13.87 32.26
C GLY C 98 20.95 -13.93 31.69
N VAL C 99 20.63 -13.11 30.67
CA VAL C 99 19.39 -13.33 29.91
C VAL C 99 19.32 -14.78 29.34
N ASP C 100 18.11 -15.25 29.05
CA ASP C 100 17.91 -16.61 28.58
C ASP C 100 17.85 -16.68 27.06
N ALA C 101 17.64 -15.54 26.41
CA ALA C 101 17.54 -15.52 24.96
C ALA C 101 17.54 -14.09 24.49
N VAL C 102 17.65 -13.92 23.18
CA VAL C 102 17.63 -12.62 22.59
C VAL C 102 16.61 -12.61 21.46
N MET C 103 16.05 -11.43 21.24
CA MET C 103 15.16 -11.22 20.14
C MET C 103 15.79 -10.21 19.18
N LEU C 104 15.62 -10.47 17.88
CA LEU C 104 16.34 -9.79 16.85
C LEU C 104 15.34 -9.33 15.81
N VAL C 105 15.13 -8.02 15.73
CA VAL C 105 14.21 -7.42 14.80
C VAL C 105 14.81 -7.40 13.37
N ALA C 106 13.98 -7.49 12.35
CA ALA C 106 14.38 -7.18 10.99
C ALA C 106 14.92 -5.77 10.93
N PRO C 107 16.12 -5.60 10.35
CA PRO C 107 16.71 -4.26 10.34
C PRO C 107 15.76 -3.27 9.68
N TYR C 108 15.52 -2.17 10.36
CA TYR C 108 14.62 -1.14 9.89
C TYR C 108 15.51 -0.12 9.18
N TYR C 109 14.86 0.74 8.41
CA TYR C 109 15.45 1.97 7.80
C TYR C 109 16.44 1.68 6.65
N ASN C 110 17.41 0.79 6.87
CA ASN C 110 18.34 0.49 5.78
C ASN C 110 17.89 -0.52 4.73
N LYS C 111 16.73 -1.16 4.92
CA LYS C 111 16.06 -1.99 3.86
C LYS C 111 16.91 -3.09 3.20
N PRO C 112 17.48 -3.96 4.05
CA PRO C 112 18.34 -5.03 3.55
C PRO C 112 17.50 -6.00 2.68
N SER C 113 18.18 -6.78 1.84
CA SER C 113 17.52 -7.82 1.06
C SER C 113 17.32 -9.07 1.96
N GLN C 114 16.67 -10.12 1.40
CA GLN C 114 16.51 -11.41 2.07
C GLN C 114 17.88 -12.00 2.40
N GLU C 115 18.83 -11.94 1.44
CA GLU C 115 20.14 -12.55 1.70
C GLU C 115 20.84 -11.72 2.76
N GLY C 116 20.69 -10.39 2.68
CA GLY C 116 21.31 -9.53 3.70
C GLY C 116 20.76 -9.82 5.07
N MET C 117 19.44 -9.97 5.20
CA MET C 117 18.90 -10.36 6.50
C MET C 117 19.31 -11.77 6.92
N TYR C 118 19.37 -12.69 5.96
CA TYR C 118 19.88 -14.02 6.32
C TYR C 118 21.23 -13.88 6.99
N GLN C 119 22.13 -13.09 6.39
CA GLN C 119 23.52 -13.01 6.90
C GLN C 119 23.59 -12.26 8.20
N HIS C 120 22.68 -11.34 8.39
CA HIS C 120 22.62 -10.54 9.60
C HIS C 120 22.19 -11.42 10.74
N PHE C 121 21.10 -12.16 10.54
CA PHE C 121 20.60 -12.96 11.68
C PHE C 121 21.58 -14.12 12.00
N LYS C 122 22.15 -14.72 10.96
CA LYS C 122 23.12 -15.85 11.17
C LYS C 122 24.31 -15.34 11.96
N ALA C 123 24.81 -14.15 11.60
CA ALA C 123 26.01 -13.64 12.22
C ALA C 123 25.72 -13.40 13.69
N ILE C 124 24.54 -12.82 14.01
CA ILE C 124 24.22 -12.55 15.39
C ILE C 124 24.01 -13.87 16.19
N ALA C 125 23.26 -14.79 15.60
CA ALA C 125 22.98 -16.08 16.19
C ALA C 125 24.26 -16.90 16.45
N GLU C 126 25.23 -16.80 15.56
CA GLU C 126 26.49 -17.56 15.78
C GLU C 126 27.43 -16.87 16.79
N SER C 127 27.06 -15.67 17.24
CA SER C 127 27.88 -14.97 18.21
C SER C 127 27.47 -15.30 19.66
N THR C 128 26.37 -16.04 19.83
CA THR C 128 25.91 -16.33 21.20
C THR C 128 25.50 -17.78 21.31
N PRO C 129 25.65 -18.41 22.51
CA PRO C 129 25.02 -19.76 22.61
C PRO C 129 23.51 -19.64 22.96
N LEU C 130 23.01 -18.45 23.15
CA LEU C 130 21.60 -18.34 23.56
C LEU C 130 20.63 -18.62 22.43
N PRO C 131 19.42 -19.07 22.80
CA PRO C 131 18.34 -19.18 21.87
C PRO C 131 18.03 -17.78 21.33
N VAL C 132 17.55 -17.73 20.09
CA VAL C 132 17.31 -16.50 19.39
C VAL C 132 15.87 -16.56 18.86
N MET C 133 15.10 -15.48 19.07
CA MET C 133 13.79 -15.28 18.47
C MET C 133 13.92 -14.19 17.39
N LEU C 134 13.52 -14.51 16.14
CA LEU C 134 13.44 -13.55 15.08
C LEU C 134 12.20 -12.66 15.34
N TYR C 135 12.19 -11.46 14.74
CA TYR C 135 11.10 -10.54 14.97
C TYR C 135 10.83 -9.88 13.63
N ASN C 136 9.77 -10.35 12.98
CA ASN C 136 9.36 -9.82 11.68
C ASN C 136 8.34 -8.70 11.96
N VAL C 137 8.58 -7.48 11.46
CA VAL C 137 7.69 -6.37 11.76
C VAL C 137 7.70 -5.36 10.63
N PRO C 138 7.10 -5.75 9.48
CA PRO C 138 7.17 -4.90 8.31
C PRO C 138 6.43 -3.57 8.53
N GLY C 139 5.49 -3.51 9.50
CA GLY C 139 4.84 -2.22 9.79
C GLY C 139 5.79 -1.20 10.45
N ARG C 140 6.98 -1.65 10.90
CA ARG C 140 8.00 -0.74 11.36
C ARG C 140 9.26 -0.80 10.56
N SER C 141 9.66 -1.97 10.07
CA SER C 141 10.93 -2.09 9.36
C SER C 141 10.77 -2.05 7.83
N ILE C 142 9.52 -2.01 7.38
CA ILE C 142 9.21 -2.05 5.92
C ILE C 142 9.49 -3.41 5.27
N VAL C 143 10.72 -3.94 5.36
CA VAL C 143 10.99 -5.23 4.77
C VAL C 143 10.24 -6.26 5.61
N GLN C 144 9.94 -7.39 4.98
CA GLN C 144 9.41 -8.57 5.63
C GLN C 144 10.54 -9.62 5.64
N ILE C 145 10.68 -10.43 6.70
CA ILE C 145 11.61 -11.59 6.64
C ILE C 145 10.79 -12.64 5.90
N SER C 146 11.11 -12.94 4.62
CA SER C 146 10.25 -13.88 3.86
C SER C 146 10.21 -15.27 4.55
N VAL C 147 9.16 -16.00 4.25
CA VAL C 147 8.99 -17.36 4.76
C VAL C 147 10.27 -18.18 4.49
N ASP C 148 10.78 -18.13 3.25
CA ASP C 148 11.98 -18.92 2.90
C ASP C 148 13.18 -18.56 3.73
N THR C 149 13.37 -17.26 3.99
CA THR C 149 14.44 -16.76 4.86
C THR C 149 14.20 -17.23 6.29
N VAL C 150 12.96 -17.17 6.76
CA VAL C 150 12.69 -17.63 8.12
C VAL C 150 13.06 -19.12 8.22
N VAL C 151 12.58 -19.92 7.26
CA VAL C 151 12.81 -21.37 7.25
C VAL C 151 14.30 -21.66 7.23
N ARG C 152 15.07 -20.95 6.36
CA ARG C 152 16.53 -21.12 6.33
C ARG C 152 17.13 -20.88 7.67
N LEU C 153 16.68 -19.81 8.33
CA LEU C 153 17.28 -19.46 9.60
C LEU C 153 16.85 -20.43 10.67
N SER C 154 15.62 -20.98 10.58
CA SER C 154 15.11 -21.95 11.61
C SER C 154 15.93 -23.24 11.67
N GLU C 155 16.68 -23.52 10.60
CA GLU C 155 17.63 -24.66 10.56
C GLU C 155 18.87 -24.42 11.39
N ILE C 156 19.15 -23.18 11.74
CA ILE C 156 20.20 -22.92 12.73
C ILE C 156 19.70 -23.36 14.12
N GLU C 157 20.54 -24.12 14.85
CA GLU C 157 20.05 -24.75 16.08
C GLU C 157 19.55 -23.74 17.16
N ASN C 158 20.28 -22.65 17.36
CA ASN C 158 19.88 -21.75 18.47
C ASN C 158 18.84 -20.69 17.95
N ILE C 159 18.40 -20.81 16.71
CA ILE C 159 17.30 -19.95 16.24
C ILE C 159 16.00 -20.71 16.39
N VAL C 160 15.23 -20.35 17.41
CA VAL C 160 14.25 -21.25 17.92
C VAL C 160 12.80 -20.77 17.77
N ALA C 161 12.60 -19.51 17.39
CA ALA C 161 11.24 -18.96 17.40
C ALA C 161 11.16 -17.72 16.53
N ILE C 162 9.95 -17.26 16.27
CA ILE C 162 9.78 -16.02 15.58
C ILE C 162 8.57 -15.31 16.21
N ASP C 164 5.92 -13.00 14.96
CA ASP C 164 5.63 -12.50 13.60
C ASP C 164 4.55 -11.45 13.78
N ALA C 165 4.96 -10.18 13.67
CA ALA C 165 4.05 -9.06 13.75
C ALA C 165 3.69 -8.58 12.36
N GLY C 166 3.72 -9.47 11.39
CA GLY C 166 3.32 -9.09 10.02
C GLY C 166 1.81 -8.98 9.83
N GLY C 167 1.01 -9.34 10.84
CA GLY C 167 -0.47 -9.27 10.71
C GLY C 167 -1.12 -10.28 9.73
N ASP C 168 -0.41 -11.34 9.39
CA ASP C 168 -0.89 -12.26 8.33
C ASP C 168 -0.82 -13.70 8.83
N VAL C 169 -1.93 -14.31 9.25
CA VAL C 169 -1.83 -15.70 9.76
C VAL C 169 -1.54 -16.76 8.67
N LEU C 170 -1.66 -16.39 7.38
CA LEU C 170 -1.31 -17.32 6.29
C LEU C 170 0.18 -17.51 6.09
N THR C 171 0.96 -16.43 6.23
CA THR C 171 2.43 -16.57 6.23
C THR C 171 2.85 -17.31 7.49
N MET C 172 2.19 -17.01 8.63
CA MET C 172 2.52 -17.72 9.88
C MET C 172 2.22 -19.22 9.63
N THR C 173 1.09 -19.48 8.96
CA THR C 173 0.74 -20.88 8.59
C THR C 173 1.87 -21.59 7.83
N GLU C 174 2.38 -20.89 6.83
CA GLU C 174 3.39 -21.46 5.96
C GLU C 174 4.69 -21.64 6.73
N ILE C 175 5.03 -20.66 7.56
CA ILE C 175 6.19 -20.85 8.45
C ILE C 175 6.03 -22.08 9.34
N ILE C 176 4.86 -22.20 9.95
CA ILE C 176 4.62 -23.35 10.80
C ILE C 176 4.84 -24.63 9.97
N GLU C 177 4.22 -24.71 8.79
CA GLU C 177 4.28 -25.91 8.03
C GLU C 177 5.72 -26.30 7.66
N LYS C 178 6.49 -25.31 7.21
CA LYS C 178 7.80 -25.53 6.58
C LYS C 178 8.99 -25.68 7.50
N THR C 179 8.84 -25.24 8.76
CA THR C 179 9.87 -25.42 9.78
C THR C 179 9.56 -26.70 10.56
N ALA C 180 10.57 -27.26 11.21
CA ALA C 180 10.42 -28.37 12.12
C ALA C 180 9.49 -28.00 13.30
N ASP C 181 9.13 -28.99 14.12
CA ASP C 181 8.14 -28.86 15.19
C ASP C 181 8.72 -28.13 16.39
N ASP C 182 10.04 -28.07 16.46
CA ASP C 182 10.75 -27.45 17.56
C ASP C 182 11.01 -25.94 17.31
N PHE C 183 10.45 -25.41 16.22
CA PHE C 183 10.47 -23.99 15.93
C PHE C 183 9.11 -23.34 16.26
N ALA C 184 9.11 -22.43 17.22
CA ALA C 184 7.86 -21.89 17.76
C ALA C 184 7.49 -20.61 17.05
N VAL C 185 6.27 -20.53 16.55
CA VAL C 185 5.90 -19.34 15.83
C VAL C 185 4.98 -18.58 16.73
N TYR C 186 5.35 -17.32 17.05
CA TYR C 186 4.48 -16.49 17.90
C TYR C 186 3.78 -15.42 17.09
N SER C 187 2.53 -15.04 17.45
CA SER C 187 1.96 -13.83 16.87
C SER C 187 2.68 -12.65 17.55
N GLY C 188 2.87 -11.56 16.81
CA GLY C 188 3.31 -10.33 17.44
C GLY C 188 2.15 -9.31 17.46
N ASP C 189 0.90 -9.69 17.19
CA ASP C 189 -0.28 -8.76 17.21
C ASP C 189 -1.31 -9.35 18.14
N ASP C 190 -1.55 -8.66 19.25
CA ASP C 190 -2.45 -9.16 20.29
C ASP C 190 -3.79 -9.61 19.73
N GLY C 191 -4.34 -8.83 18.85
CA GLY C 191 -5.68 -9.13 18.34
C GLY C 191 -5.71 -10.45 17.59
N LEU C 192 -4.55 -10.87 17.07
CA LEU C 192 -4.49 -12.09 16.31
C LEU C 192 -4.13 -13.33 17.12
N THR C 193 -3.98 -13.18 18.43
CA THR C 193 -3.64 -14.32 19.28
C THR C 193 -4.50 -15.56 18.99
N LEU C 194 -5.81 -15.39 19.06
CA LEU C 194 -6.77 -16.51 18.91
C LEU C 194 -6.69 -17.07 17.48
N PRO C 195 -6.78 -16.21 16.44
CA PRO C 195 -6.72 -16.87 15.14
C PRO C 195 -5.33 -17.43 14.78
N ALA C 196 -4.26 -16.87 15.36
CA ALA C 196 -2.92 -17.39 15.16
C ALA C 196 -2.76 -18.74 15.87
N MET C 197 -3.28 -18.84 17.09
CA MET C 197 -3.15 -20.12 17.75
C MET C 197 -4.01 -21.19 17.03
N ALA C 198 -5.16 -20.77 16.50
CA ALA C 198 -5.99 -21.65 15.68
C ALA C 198 -5.22 -22.33 14.58
N VAL C 199 -4.26 -21.64 13.95
CA VAL C 199 -3.47 -22.22 12.85
C VAL C 199 -2.17 -22.87 13.33
N GLY C 200 -1.94 -22.86 14.64
CA GLY C 200 -0.81 -23.59 15.23
C GLY C 200 0.30 -22.72 15.79
N ALA C 201 0.05 -21.42 15.94
CA ALA C 201 1.02 -20.54 16.66
C ALA C 201 1.11 -21.00 18.11
N LYS C 202 2.28 -20.93 18.74
CA LYS C 202 2.48 -21.28 20.13
C LYS C 202 1.85 -20.24 21.04
N GLY C 203 1.69 -18.99 20.62
CA GLY C 203 1.16 -17.97 21.55
C GLY C 203 1.43 -16.59 21.02
N ILE C 204 1.54 -15.60 21.92
CA ILE C 204 1.52 -14.22 21.55
C ILE C 204 2.69 -13.51 22.25
N VAL C 205 3.36 -12.57 21.54
CA VAL C 205 4.29 -11.62 22.22
C VAL C 205 3.47 -10.37 22.32
N SER C 206 3.11 -10.05 23.55
CA SER C 206 1.96 -9.22 23.84
C SER C 206 2.31 -7.84 24.39
N VAL C 207 1.42 -6.92 24.08
CA VAL C 207 1.43 -5.61 24.69
C VAL C 207 0.29 -5.54 25.66
N ALA C 208 -0.88 -6.07 25.26
CA ALA C 208 -2.12 -5.92 26.04
C ALA C 208 -2.05 -6.72 27.33
N SER C 209 -1.15 -7.70 27.40
CA SER C 209 -0.99 -8.49 28.61
C SER C 209 -0.54 -7.65 29.82
N HIS C 210 -0.14 -6.40 29.60
CA HIS C 210 0.18 -5.49 30.68
C HIS C 210 -1.07 -5.15 31.47
N VAL C 211 -2.24 -5.16 30.81
CA VAL C 211 -3.48 -4.83 31.52
C VAL C 211 -4.56 -5.90 31.51
N ILE C 212 -4.53 -6.84 30.55
CA ILE C 212 -5.49 -7.95 30.54
C ILE C 212 -4.84 -9.30 30.34
N GLY C 213 -3.65 -9.49 30.92
CA GLY C 213 -3.03 -10.80 30.87
C GLY C 213 -3.86 -11.99 31.39
N ASN C 214 -4.59 -11.83 32.50
CA ASN C 214 -5.38 -12.95 33.02
C ASN C 214 -6.53 -13.24 32.04
N GLU C 215 -7.18 -12.22 31.48
CA GLU C 215 -8.25 -12.44 30.51
C GLU C 215 -7.69 -13.20 29.29
N MET C 216 -6.44 -12.90 28.92
CA MET C 216 -5.78 -13.51 27.76
C MET C 216 -5.50 -14.96 28.08
N GLN C 217 -5.01 -15.18 29.28
CA GLN C 217 -4.74 -16.55 29.69
C GLN C 217 -6.05 -17.35 29.70
N GLU C 218 -7.16 -16.75 30.17
CA GLU C 218 -8.42 -17.50 30.25
C GLU C 218 -8.89 -17.78 28.82
N MET C 219 -8.68 -16.81 27.94
CA MET C 219 -9.05 -16.90 26.51
C MET C 219 -8.34 -18.09 25.90
N ILE C 220 -7.02 -18.14 26.04
CA ILE C 220 -6.26 -19.24 25.49
C ILE C 220 -6.70 -20.57 26.05
N ALA C 221 -6.87 -20.67 27.37
CA ALA C 221 -7.37 -21.93 27.95
C ALA C 221 -8.78 -22.30 27.50
N ALA C 222 -9.69 -21.33 27.34
CA ALA C 222 -11.00 -21.63 26.81
C ALA C 222 -10.91 -22.17 25.40
N PHE C 223 -10.07 -21.55 24.59
CA PHE C 223 -9.91 -22.00 23.24
C PHE C 223 -9.43 -23.44 23.19
N GLN C 224 -8.36 -23.71 23.92
CA GLN C 224 -7.72 -25.01 23.90
C GLN C 224 -8.61 -26.13 24.45
N ALA C 225 -9.58 -25.76 25.31
CA ALA C 225 -10.57 -26.71 25.84
C ALA C 225 -11.80 -26.81 24.93
N GLY C 226 -11.73 -26.28 23.72
CA GLY C 226 -12.88 -26.28 22.85
C GLY C 226 -14.04 -25.43 23.36
N GLU C 227 -13.82 -24.50 24.30
CA GLU C 227 -14.90 -23.56 24.71
C GLU C 227 -14.97 -22.25 23.87
N PHE C 228 -15.43 -22.41 22.64
CA PHE C 228 -15.25 -21.43 21.60
C PHE C 228 -16.04 -20.21 21.85
N LYS C 229 -17.27 -20.33 22.36
CA LYS C 229 -18.03 -19.10 22.62
C LYS C 229 -17.39 -18.22 23.74
N LYS C 230 -16.80 -18.86 24.72
CA LYS C 230 -16.09 -18.18 25.82
C LYS C 230 -14.80 -17.54 25.29
N ALA C 231 -14.03 -18.31 24.52
CA ALA C 231 -12.80 -17.82 23.91
C ALA C 231 -13.11 -16.61 23.04
N GLN C 232 -14.25 -16.63 22.33
CA GLN C 232 -14.63 -15.56 21.41
C GLN C 232 -15.01 -14.32 22.12
N LYS C 233 -15.65 -14.45 23.28
CA LYS C 233 -16.04 -13.25 23.97
C LYS C 233 -14.77 -12.55 24.56
N LEU C 234 -13.81 -13.34 25.04
CA LEU C 234 -12.55 -12.79 25.59
C LEU C 234 -11.73 -12.16 24.44
N HIS C 235 -11.79 -12.80 23.28
CA HIS C 235 -11.16 -12.30 22.06
C HIS C 235 -11.71 -10.93 21.67
N GLN C 236 -13.05 -10.75 21.78
CA GLN C 236 -13.60 -9.45 21.52
C GLN C 236 -13.06 -8.41 22.45
N LEU C 237 -12.96 -8.74 23.74
CA LEU C 237 -12.36 -7.82 24.71
C LEU C 237 -10.89 -7.53 24.31
N LEU C 238 -10.13 -8.57 24.04
CA LEU C 238 -8.72 -8.45 23.67
C LEU C 238 -8.58 -7.50 22.43
N VAL C 239 -9.42 -7.70 21.42
CA VAL C 239 -9.38 -6.85 20.22
C VAL C 239 -9.67 -5.34 20.48
N ARG C 240 -10.69 -5.09 21.28
CA ARG C 240 -11.17 -3.77 21.65
C ARG C 240 -10.06 -3.05 22.48
N VAL C 241 -9.53 -3.75 23.49
CA VAL C 241 -8.47 -3.17 24.35
C VAL C 241 -7.20 -2.92 23.55
N THR C 242 -6.81 -3.88 22.69
CA THR C 242 -5.62 -3.67 21.85
C THR C 242 -5.76 -2.43 20.95
N ASP C 243 -6.92 -2.25 20.33
CA ASP C 243 -7.20 -1.04 19.51
C ASP C 243 -6.96 0.22 20.27
N SER C 244 -7.52 0.31 21.48
CA SER C 244 -7.32 1.49 22.27
C SER C 244 -5.83 1.66 22.69
N LEU C 245 -5.03 0.60 22.69
CA LEU C 245 -3.62 0.74 23.09
C LEU C 245 -2.75 1.20 21.91
N PHE C 246 -3.36 1.30 20.74
CA PHE C 246 -2.63 1.72 19.56
C PHE C 246 -3.21 2.95 18.93
N MET C 247 -3.96 3.74 19.70
CA MET C 247 -4.54 4.98 19.16
C MET C 247 -3.57 6.17 19.06
N ALA C 248 -2.44 6.04 19.75
CA ALA C 248 -1.31 6.91 19.60
C ALA C 248 -0.09 5.95 19.54
N PRO C 249 1.11 6.47 19.18
CA PRO C 249 2.27 5.60 19.02
C PRO C 249 2.57 4.86 20.29
N SER C 250 2.78 3.56 20.15
CA SER C 250 3.04 2.69 21.32
C SER C 250 4.45 2.99 21.83
N PRO C 251 4.71 2.95 23.15
CA PRO C 251 3.88 2.39 24.24
C PRO C 251 3.26 3.45 25.13
N THR C 252 3.14 4.68 24.64
CA THR C 252 2.44 5.68 25.47
C THR C 252 1.07 5.21 25.94
N PRO C 253 0.25 4.63 25.04
CA PRO C 253 -1.06 4.32 25.63
C PRO C 253 -1.00 3.22 26.67
N VAL C 254 -0.15 2.20 26.47
CA VAL C 254 -0.10 1.14 27.48
C VAL C 254 0.51 1.64 28.79
N LYS C 255 1.50 2.54 28.71
CA LYS C 255 2.07 3.20 29.93
C LYS C 255 0.95 4.00 30.64
N THR C 256 0.12 4.69 29.88
CA THR C 256 -1.03 5.47 30.43
C THR C 256 -2.06 4.50 31.03
N ALA C 257 -2.36 3.41 30.30
CA ALA C 257 -3.30 2.43 30.82
C ALA C 257 -2.81 1.87 32.18
N LEU C 258 -1.53 1.54 32.25
CA LEU C 258 -0.93 0.99 33.45
C LEU C 258 -1.15 1.99 34.62
N GLN C 259 -0.88 3.29 34.38
CA GLN C 259 -1.06 4.31 35.39
C GLN C 259 -2.52 4.35 35.81
N MET C 260 -3.44 4.20 34.86
CA MET C 260 -4.88 4.23 35.16
C MET C 260 -5.29 3.07 36.05
N VAL C 261 -4.55 1.97 36.04
CA VAL C 261 -4.89 0.87 36.92
C VAL C 261 -3.97 0.74 38.12
N GLY C 262 -3.40 1.86 38.54
CA GLY C 262 -2.57 1.89 39.76
C GLY C 262 -1.08 1.56 39.66
N LEU C 263 -0.56 1.28 38.46
CA LEU C 263 0.87 0.95 38.34
C LEU C 263 1.49 2.05 37.47
N ASP C 264 1.94 3.14 38.12
CA ASP C 264 2.40 4.32 37.39
C ASP C 264 3.80 4.04 36.88
N VAL C 265 4.00 4.06 35.56
CA VAL C 265 5.36 3.62 35.11
C VAL C 265 6.01 4.78 34.39
N GLY C 266 5.56 5.97 34.70
CA GLY C 266 6.06 7.15 34.00
C GLY C 266 5.60 7.33 32.55
N SER C 267 6.35 8.14 31.81
CA SER C 267 5.92 8.52 30.49
C SER C 267 6.96 8.01 29.51
N VAL C 268 7.10 8.68 28.37
CA VAL C 268 7.93 8.12 27.28
C VAL C 268 9.02 9.13 26.89
N ARG C 269 10.00 8.68 26.12
CA ARG C 269 11.09 9.57 25.62
C ARG C 269 10.78 10.08 24.22
N LEU C 270 11.08 11.37 23.99
CA LEU C 270 11.07 11.94 22.64
C LEU C 270 11.81 10.96 21.64
N PRO C 271 11.22 10.71 20.45
CA PRO C 271 10.12 11.45 19.80
C PRO C 271 8.72 11.10 20.21
N LEU C 272 8.56 10.18 21.18
CA LEU C 272 7.20 9.89 21.64
C LEU C 272 6.74 10.93 22.67
N LEU C 273 5.42 11.13 22.76
CA LEU C 273 4.84 12.13 23.63
C LEU C 273 3.69 11.56 24.50
N PRO C 274 3.45 12.18 25.67
CA PRO C 274 2.30 11.74 26.43
C PRO C 274 1.01 11.93 25.61
N LEU C 275 0.01 11.14 25.92
CA LEU C 275 -1.33 11.34 25.37
C LEU C 275 -1.84 12.74 25.68
N THR C 276 -2.56 13.35 24.75
CA THR C 276 -3.38 14.48 25.12
C THR C 276 -4.56 14.09 26.02
N GLU C 277 -5.09 15.11 26.71
CA GLU C 277 -6.33 14.99 27.49
C GLU C 277 -7.44 14.27 26.73
N GLU C 278 -7.65 14.66 25.49
CA GLU C 278 -8.68 14.04 24.70
C GLU C 278 -8.34 12.58 24.53
N GLU C 279 -7.08 12.30 24.20
CA GLU C 279 -6.66 10.90 24.09
C GLU C 279 -6.84 10.14 25.45
N ARG C 280 -6.45 10.78 26.54
CA ARG C 280 -6.54 10.17 27.87
C ARG C 280 -7.98 9.76 28.20
N VAL C 281 -8.92 10.64 27.86
CA VAL C 281 -10.31 10.36 28.12
C VAL C 281 -10.84 9.16 27.31
N THR C 282 -10.52 9.09 26.03
CA THR C 282 -10.97 7.99 25.19
C THR C 282 -10.39 6.67 25.74
N LEU C 283 -9.11 6.69 26.15
CA LEU C 283 -8.47 5.52 26.72
C LEU C 283 -9.06 5.15 28.07
N GLN C 284 -9.30 6.12 28.94
CA GLN C 284 -9.95 5.81 30.25
C GLN C 284 -11.34 5.12 30.05
N SER C 285 -12.08 5.52 29.03
CA SER C 285 -13.40 4.91 28.81
C SER C 285 -13.23 3.47 28.45
N VAL C 286 -12.25 3.17 27.57
CA VAL C 286 -12.00 1.81 27.22
C VAL C 286 -11.59 1.03 28.46
N MET C 287 -10.71 1.58 29.28
CA MET C 287 -10.25 0.83 30.47
C MET C 287 -11.39 0.53 31.45
N GLN C 288 -12.28 1.49 31.60
CA GLN C 288 -13.42 1.34 32.49
C GLN C 288 -14.39 0.28 31.98
N SER C 289 -14.31 -0.04 30.69
CA SER C 289 -15.18 -1.03 30.07
C SER C 289 -14.69 -2.44 30.30
N ILE C 290 -13.46 -2.62 30.77
CA ILE C 290 -12.97 -3.95 31.03
C ILE C 290 -13.72 -4.55 32.23
N PRO C 291 -14.46 -5.66 32.03
CA PRO C 291 -15.23 -6.29 33.12
C PRO C 291 -14.36 -6.59 34.34
N ARG C 292 -14.80 -6.07 35.48
CA ARG C 292 -14.03 -6.20 36.70
C ARG C 292 -14.76 -7.14 37.64
N MET D 1 21.26 33.70 4.15
CA MET D 1 20.60 32.38 4.02
C MET D 1 21.61 31.43 3.33
N ILE D 2 21.93 30.30 3.99
CA ILE D 2 22.85 29.29 3.39
C ILE D 2 22.29 28.72 2.04
N ASP D 3 23.17 28.53 1.08
CA ASP D 3 22.74 28.10 -0.23
C ASP D 3 23.41 26.75 -0.53
N PHE D 4 22.60 25.67 -0.65
CA PHE D 4 23.20 24.35 -0.92
C PHE D 4 23.37 24.10 -2.41
N GLY D 5 22.86 25.02 -3.20
CA GLY D 5 22.97 24.89 -4.67
C GLY D 5 21.93 23.88 -5.16
N THR D 6 22.11 23.45 -6.39
CA THR D 6 21.11 22.65 -7.08
C THR D 6 21.45 21.13 -6.91
N ILE D 7 22.70 20.78 -6.62
CA ILE D 7 23.00 19.34 -6.36
C ILE D 7 23.81 19.08 -5.04
N ALA D 8 23.10 18.71 -3.96
CA ALA D 8 23.75 18.23 -2.78
C ALA D 8 23.91 16.75 -3.01
N THR D 9 25.07 16.22 -2.73
CA THR D 9 25.31 14.80 -2.94
C THR D 9 25.36 14.13 -1.57
N ALA D 10 24.57 13.07 -1.37
CA ALA D 10 24.64 12.30 -0.16
C ALA D 10 25.79 11.36 -0.33
N MET D 11 26.97 11.76 0.15
CA MET D 11 28.17 10.98 -0.12
C MET D 11 28.20 9.63 0.57
N VAL D 12 28.68 8.64 -0.15
CA VAL D 12 29.01 7.32 0.41
C VAL D 12 30.16 7.47 1.40
N THR D 13 30.24 6.56 2.35
CA THR D 13 31.35 6.54 3.31
C THR D 13 32.31 5.44 2.85
N PRO D 14 33.47 5.82 2.26
CA PRO D 14 34.46 4.82 1.75
C PRO D 14 35.01 3.99 2.92
N PHE D 15 35.08 2.68 2.71
CA PHE D 15 35.61 1.79 3.76
C PHE D 15 36.85 1.07 3.23
N ASP D 16 37.77 0.74 4.12
CA ASP D 16 38.91 -0.05 3.65
C ASP D 16 38.57 -1.55 3.68
N ILE D 17 39.58 -2.36 3.36
CA ILE D 17 39.52 -3.80 3.37
C ILE D 17 39.01 -4.41 4.74
N ASN D 18 39.26 -3.70 5.85
CA ASN D 18 38.71 -4.13 7.13
C ASN D 18 37.32 -3.48 7.46
N GLY D 19 36.79 -2.67 6.55
CA GLY D 19 35.49 -2.08 6.81
C GLY D 19 35.59 -0.82 7.62
N ASN D 20 36.82 -0.37 7.87
CA ASN D 20 36.95 0.93 8.57
C ASN D 20 36.87 2.08 7.56
N ILE D 21 36.48 3.25 8.05
CA ILE D 21 36.49 4.49 7.23
C ILE D 21 37.85 4.68 6.61
N ASP D 22 37.86 4.78 5.29
CA ASP D 22 39.06 5.00 4.56
C ASP D 22 39.21 6.52 4.30
N PHE D 23 39.91 7.22 5.19
CA PHE D 23 40.02 8.66 5.17
C PHE D 23 40.71 9.21 3.93
N ALA D 24 41.74 8.54 3.45
CA ALA D 24 42.42 8.97 2.27
C ALA D 24 41.51 8.86 1.02
N LYS D 25 40.74 7.76 0.93
CA LYS D 25 39.78 7.65 -0.17
C LYS D 25 38.65 8.69 -0.01
N THR D 26 38.33 9.03 1.25
CA THR D 26 37.29 10.02 1.50
C THR D 26 37.72 11.39 0.89
N THR D 27 38.97 11.80 1.19
CA THR D 27 39.58 13.01 0.57
C THR D 27 39.45 12.97 -0.94
N LYS D 28 39.80 11.86 -1.52
CA LYS D 28 39.72 11.76 -2.98
C LYS D 28 38.27 11.89 -3.51
N LEU D 29 37.34 11.25 -2.82
CA LEU D 29 35.97 11.30 -3.28
C LEU D 29 35.41 12.72 -3.10
N VAL D 30 35.72 13.36 -1.98
CA VAL D 30 35.25 14.71 -1.76
C VAL D 30 35.69 15.68 -2.90
N ASN D 31 36.96 15.58 -3.32
CA ASN D 31 37.48 16.47 -4.36
C ASN D 31 36.87 16.07 -5.71
N TYR D 32 36.75 14.78 -5.96
CA TYR D 32 36.05 14.34 -7.18
C TYR D 32 34.59 14.87 -7.31
N LEU D 33 33.85 14.81 -6.22
CA LEU D 33 32.46 15.27 -6.24
C LEU D 33 32.42 16.78 -6.52
N ILE D 34 33.24 17.56 -5.79
CA ILE D 34 33.32 19.02 -5.98
C ILE D 34 33.72 19.37 -7.41
N ASP D 35 34.56 18.54 -8.04
CA ASP D 35 34.89 18.68 -9.47
C ASP D 35 33.85 18.19 -10.46
N ASN D 36 32.76 17.56 -9.98
CA ASN D 36 31.79 16.99 -10.90
C ASN D 36 30.35 17.36 -10.56
N GLY D 37 30.11 18.65 -10.26
CA GLY D 37 28.79 19.21 -10.17
C GLY D 37 28.15 19.15 -8.80
N THR D 38 28.83 18.59 -7.80
CA THR D 38 28.31 18.64 -6.45
C THR D 38 28.39 20.04 -5.85
N THR D 39 27.29 20.59 -5.34
CA THR D 39 27.27 21.93 -4.81
C THR D 39 27.11 21.96 -3.29
N ALA D 40 26.82 20.82 -2.68
CA ALA D 40 26.90 20.70 -1.24
C ALA D 40 27.07 19.22 -0.93
N ILE D 41 27.63 18.92 0.24
CA ILE D 41 27.86 17.52 0.55
C ILE D 41 27.14 17.19 1.81
N VAL D 42 26.29 16.16 1.74
CA VAL D 42 25.60 15.61 2.92
C VAL D 42 26.47 14.43 3.31
N VAL D 43 27.04 14.46 4.52
CA VAL D 43 27.96 13.44 5.04
C VAL D 43 27.22 12.59 6.06
N GLY D 44 27.32 11.26 5.95
CA GLY D 44 26.67 10.37 6.98
C GLY D 44 25.14 10.43 6.89
N GLY D 45 24.63 10.53 5.66
CA GLY D 45 23.20 10.31 5.38
C GLY D 45 22.94 8.81 5.21
N THR D 46 21.75 8.48 4.76
CA THR D 46 21.43 7.08 4.46
C THR D 46 22.48 6.46 3.55
N THR D 47 22.85 7.21 2.54
CA THR D 47 23.75 6.77 1.51
C THR D 47 25.17 6.64 2.03
N GLY D 48 25.48 7.39 3.09
CA GLY D 48 26.76 7.23 3.81
C GLY D 48 26.71 6.13 4.85
N GLU D 49 25.64 5.34 4.83
CA GLU D 49 25.51 4.23 5.78
C GLU D 49 25.52 4.67 7.21
N SER D 50 24.86 5.77 7.49
CA SER D 50 24.70 6.24 8.85
C SER D 50 24.29 5.10 9.81
N PRO D 51 23.41 4.15 9.41
CA PRO D 51 22.96 3.08 10.41
C PRO D 51 24.12 2.25 11.00
N THR D 52 25.18 2.03 10.20
CA THR D 52 26.25 1.17 10.68
C THR D 52 27.52 1.95 11.11
N LEU D 53 27.51 3.29 11.03
CA LEU D 53 28.60 4.06 11.58
C LEU D 53 28.37 4.23 13.06
N THR D 54 29.45 4.20 13.84
CA THR D 54 29.29 4.53 15.26
C THR D 54 29.25 6.08 15.40
N SER D 55 28.79 6.55 16.55
CA SER D 55 28.78 8.00 16.87
C SER D 55 30.18 8.65 16.67
N GLU D 56 31.20 7.94 17.10
CA GLU D 56 32.56 8.47 16.98
C GLU D 56 33.09 8.39 15.56
N GLU D 57 32.75 7.34 14.81
CA GLU D 57 33.00 7.38 13.36
C GLU D 57 32.28 8.58 12.70
N LYS D 58 31.01 8.79 13.00
CA LYS D 58 30.30 9.89 12.40
C LYS D 58 31.03 11.23 12.63
N VAL D 59 31.35 11.51 13.91
CA VAL D 59 32.01 12.74 14.27
C VAL D 59 33.35 12.87 13.51
N ALA D 60 34.17 11.83 13.56
CA ALA D 60 35.42 11.90 12.86
C ALA D 60 35.23 12.08 11.34
N LEU D 61 34.18 11.49 10.76
CA LEU D 61 33.93 11.60 9.34
C LEU D 61 33.52 13.03 9.02
N TYR D 62 32.67 13.58 9.86
CA TYR D 62 32.28 14.97 9.71
C TYR D 62 33.53 15.89 9.77
N ARG D 63 34.39 15.66 10.77
CA ARG D 63 35.55 16.54 11.00
C ARG D 63 36.40 16.49 9.75
N HIS D 64 36.66 15.29 9.24
CA HIS D 64 37.55 15.15 8.13
C HIS D 64 36.96 15.80 6.87
N VAL D 65 35.66 15.57 6.63
CA VAL D 65 35.08 16.19 5.44
C VAL D 65 35.13 17.73 5.53
N VAL D 66 34.81 18.29 6.69
CA VAL D 66 34.82 19.72 6.82
C VAL D 66 36.23 20.22 6.38
N SER D 67 37.26 19.57 6.92
CA SER D 67 38.66 19.95 6.71
C SER D 67 39.03 19.83 5.24
N VAL D 68 38.71 18.72 4.59
CA VAL D 68 38.97 18.60 3.16
C VAL D 68 38.17 19.57 2.31
N VAL D 69 36.89 19.77 2.63
CA VAL D 69 36.07 20.65 1.81
C VAL D 69 36.63 22.08 1.91
N ASP D 70 37.13 22.47 3.09
CA ASP D 70 37.80 23.78 3.27
C ASP D 70 36.89 24.92 2.75
N LYS D 71 35.62 24.90 3.16
CA LYS D 71 34.62 25.90 2.79
C LYS D 71 34.30 26.03 1.31
N ARG D 72 34.71 25.08 0.46
CA ARG D 72 34.38 25.19 -0.97
C ARG D 72 32.89 25.00 -1.25
N VAL D 73 32.25 24.08 -0.52
CA VAL D 73 30.78 23.90 -0.58
C VAL D 73 30.27 23.65 0.85
N PRO D 74 28.97 23.89 1.11
CA PRO D 74 28.45 23.60 2.46
C PRO D 74 28.58 22.12 2.75
N VAL D 75 28.86 21.82 4.01
CA VAL D 75 28.97 20.44 4.47
C VAL D 75 27.81 20.23 5.40
N ILE D 76 26.93 19.27 5.04
CA ILE D 76 25.74 19.01 5.83
C ILE D 76 25.93 17.66 6.51
N ALA D 77 25.86 17.61 7.83
CA ALA D 77 26.10 16.36 8.54
C ALA D 77 24.77 15.64 8.83
N GLY D 78 24.64 14.37 8.47
CA GLY D 78 23.33 13.70 8.77
C GLY D 78 23.11 13.27 10.22
N THR D 79 22.84 14.21 11.14
CA THR D 79 22.96 13.90 12.58
C THR D 79 21.66 13.32 13.27
N GLY D 80 20.51 13.41 12.60
CA GLY D 80 19.24 13.08 13.26
C GLY D 80 19.16 11.56 13.27
N SER D 81 18.58 10.99 14.31
CA SER D 81 18.14 9.58 14.29
C SER D 81 16.69 9.52 14.76
N ASN D 82 16.28 8.35 15.24
CA ASN D 82 14.95 8.22 15.83
C ASN D 82 14.90 8.44 17.35
N ASN D 83 16.00 8.90 17.92
CA ASN D 83 16.17 9.17 19.38
C ASN D 83 16.47 10.66 19.51
N THR D 84 15.50 11.49 19.97
CA THR D 84 15.73 12.88 20.08
C THR D 84 17.00 13.32 20.88
N HIS D 85 17.24 12.72 22.05
CA HIS D 85 18.33 13.12 22.91
C HIS D 85 19.67 12.79 22.21
N ALA D 86 19.77 11.61 21.59
CA ALA D 86 21.01 11.25 20.90
C ALA D 86 21.21 12.14 19.69
N SER D 87 20.10 12.56 19.09
CA SER D 87 20.18 13.47 17.93
C SER D 87 20.73 14.90 18.31
N ILE D 88 20.26 15.44 19.44
CA ILE D 88 20.76 16.69 20.03
C ILE D 88 22.24 16.52 20.30
N ASP D 89 22.59 15.44 20.98
CA ASP D 89 23.99 15.18 21.26
C ASP D 89 24.83 15.17 20.00
N LEU D 90 24.42 14.41 19.01
CA LEU D 90 25.31 14.26 17.82
C LEU D 90 25.34 15.59 17.00
N THR D 91 24.24 16.32 17.06
CA THR D 91 24.13 17.64 16.44
C THR D 91 25.13 18.65 17.07
N LYS D 92 25.23 18.65 18.42
CA LYS D 92 26.21 19.46 19.12
C LYS D 92 27.60 19.08 18.70
N LYS D 93 27.87 17.80 18.53
CA LYS D 93 29.22 17.38 18.13
C LYS D 93 29.56 17.73 16.74
N ALA D 94 28.54 17.74 15.87
CA ALA D 94 28.76 18.07 14.46
C ALA D 94 29.07 19.54 14.38
N THR D 95 28.29 20.35 15.09
CA THR D 95 28.49 21.76 15.10
C THR D 95 29.91 22.08 15.59
N GLU D 96 30.35 21.41 16.66
CA GLU D 96 31.66 21.64 17.26
C GLU D 96 32.75 21.35 16.27
N VAL D 97 32.51 20.47 15.29
CA VAL D 97 33.59 20.18 14.37
C VAL D 97 33.47 21.01 13.09
N GLY D 98 32.60 22.02 13.08
CA GLY D 98 32.59 22.95 11.96
C GLY D 98 31.76 22.60 10.73
N VAL D 99 30.77 21.74 10.86
CA VAL D 99 29.93 21.52 9.70
C VAL D 99 29.07 22.80 9.48
N ASP D 100 28.51 22.96 8.27
CA ASP D 100 27.67 24.12 8.01
C ASP D 100 26.24 23.99 8.28
N ALA D 101 25.77 22.74 8.42
CA ALA D 101 24.33 22.47 8.52
C ALA D 101 24.15 21.05 9.00
N VAL D 102 22.97 20.73 9.49
CA VAL D 102 22.63 19.34 9.82
C VAL D 102 21.35 18.90 9.02
N MET D 103 21.30 17.62 8.69
CA MET D 103 20.15 17.03 8.08
C MET D 103 19.55 16.09 9.11
N LEU D 104 18.23 16.18 9.29
CA LEU D 104 17.54 15.47 10.35
C LEU D 104 16.42 14.60 9.72
N VAL D 105 16.60 13.28 9.75
CA VAL D 105 15.64 12.37 9.15
C VAL D 105 14.37 12.26 10.02
N ALA D 106 13.21 12.02 9.38
CA ALA D 106 12.02 11.62 10.12
C ALA D 106 12.31 10.33 10.91
N PRO D 107 12.01 10.32 12.21
CA PRO D 107 12.35 9.12 13.01
C PRO D 107 11.76 7.86 12.39
N TYR D 108 12.63 6.89 12.10
CA TYR D 108 12.25 5.60 11.57
C TYR D 108 11.95 4.65 12.77
N TYR D 109 11.21 3.57 12.50
CA TYR D 109 10.99 2.45 13.38
C TYR D 109 10.04 2.73 14.52
N ASN D 110 10.20 3.84 15.25
CA ASN D 110 9.27 4.03 16.39
C ASN D 110 7.98 4.76 15.94
N LYS D 111 7.88 5.14 14.67
CA LYS D 111 6.59 5.71 14.20
C LYS D 111 5.95 6.82 15.09
N PRO D 112 6.65 7.95 15.25
CA PRO D 112 6.10 9.08 16.03
C PRO D 112 4.90 9.77 15.32
N SER D 113 4.08 10.51 16.07
CA SER D 113 2.96 11.23 15.48
C SER D 113 3.51 12.51 14.82
N GLN D 114 2.65 13.30 14.20
CA GLN D 114 3.10 14.57 13.63
C GLN D 114 3.58 15.50 14.76
N GLU D 115 2.81 15.55 15.84
CA GLU D 115 3.21 16.37 16.98
C GLU D 115 4.52 15.90 17.61
N GLY D 116 4.72 14.60 17.65
CA GLY D 116 6.00 14.04 18.18
C GLY D 116 7.14 14.48 17.30
N MET D 117 6.95 14.37 16.00
CA MET D 117 7.98 14.81 15.06
C MET D 117 8.22 16.32 15.15
N TYR D 118 7.13 17.09 15.33
CA TYR D 118 7.27 18.55 15.51
C TYR D 118 8.19 18.85 16.70
N GLN D 119 7.93 18.18 17.83
CA GLN D 119 8.70 18.45 19.03
C GLN D 119 10.11 17.93 18.87
N HIS D 120 10.29 16.77 18.23
CA HIS D 120 11.60 16.18 17.99
C HIS D 120 12.45 17.18 17.17
N PHE D 121 11.92 17.60 15.99
CA PHE D 121 12.72 18.50 15.13
C PHE D 121 12.93 19.87 15.82
N LYS D 122 11.88 20.40 16.45
CA LYS D 122 12.00 21.62 17.23
C LYS D 122 13.11 21.50 18.26
N ALA D 123 13.14 20.40 19.01
CA ALA D 123 14.18 20.32 20.05
C ALA D 123 15.58 20.17 19.45
N ILE D 124 15.70 19.48 18.31
CA ILE D 124 17.05 19.36 17.74
C ILE D 124 17.48 20.74 17.14
N ALA D 125 16.55 21.38 16.41
CA ALA D 125 16.84 22.73 15.83
C ALA D 125 17.28 23.72 16.94
N GLU D 126 16.61 23.66 18.09
CA GLU D 126 16.86 24.62 19.15
C GLU D 126 18.20 24.42 19.80
N SER D 127 18.80 23.23 19.64
CA SER D 127 20.09 22.91 20.27
C SER D 127 21.29 23.40 19.45
N THR D 128 21.07 23.95 18.27
CA THR D 128 22.24 24.36 17.45
C THR D 128 21.93 25.70 16.80
N PRO D 129 22.95 26.55 16.60
CA PRO D 129 22.78 27.78 15.75
C PRO D 129 22.76 27.45 14.24
N LEU D 130 23.22 26.26 13.89
CA LEU D 130 23.28 25.85 12.49
C LEU D 130 21.92 25.72 11.79
N PRO D 131 21.93 25.96 10.46
CA PRO D 131 20.80 25.68 9.62
C PRO D 131 20.48 24.18 9.63
N VAL D 132 19.19 23.89 9.54
CA VAL D 132 18.69 22.51 9.64
C VAL D 132 17.91 22.17 8.38
N MET D 133 18.22 21.01 7.79
CA MET D 133 17.49 20.49 6.64
C MET D 133 16.68 19.24 7.13
N LEU D 134 15.35 19.29 7.02
CA LEU D 134 14.47 18.18 7.37
C LEU D 134 14.63 17.11 6.30
N TYR D 135 14.33 15.86 6.61
CA TYR D 135 14.49 14.79 5.61
C TYR D 135 13.34 13.87 5.75
N ASN D 136 12.46 14.01 4.76
CA ASN D 136 11.22 13.23 4.67
C ASN D 136 11.44 12.02 3.81
N VAL D 137 11.26 10.82 4.41
CA VAL D 137 11.61 9.58 3.74
C VAL D 137 10.67 8.41 4.15
N PRO D 138 9.37 8.48 3.77
CA PRO D 138 8.42 7.40 4.20
C PRO D 138 8.80 6.03 3.72
N GLY D 139 9.53 5.92 2.62
CA GLY D 139 9.97 4.63 2.05
C GLY D 139 11.04 3.97 2.97
N ARG D 140 11.56 4.70 3.95
CA ARG D 140 12.36 4.04 5.02
C ARG D 140 11.86 4.26 6.43
N SER D 141 11.19 5.38 6.73
CA SER D 141 10.72 5.65 8.08
C SER D 141 9.27 5.36 8.29
N ILE D 142 8.55 4.99 7.21
CA ILE D 142 7.12 4.74 7.19
C ILE D 142 6.30 5.99 7.39
N VAL D 143 6.47 6.71 8.48
CA VAL D 143 5.75 7.96 8.66
C VAL D 143 6.20 8.97 7.62
N GLN D 144 5.36 9.95 7.36
CA GLN D 144 5.68 11.08 6.53
C GLN D 144 5.68 12.30 7.45
N ILE D 145 6.51 13.30 7.12
CA ILE D 145 6.37 14.60 7.74
C ILE D 145 5.26 15.30 6.96
N SER D 146 4.10 15.55 7.57
CA SER D 146 2.97 16.11 6.78
C SER D 146 3.33 17.50 6.27
N VAL D 147 2.66 17.94 5.22
CA VAL D 147 2.85 19.30 4.77
C VAL D 147 2.71 20.33 5.97
N ASP D 148 1.66 20.23 6.78
CA ASP D 148 1.35 21.18 7.83
C ASP D 148 2.47 21.18 8.82
N THR D 149 3.00 19.99 9.07
CA THR D 149 4.13 19.83 10.00
C THR D 149 5.41 20.51 9.51
N VAL D 150 5.77 20.26 8.26
CA VAL D 150 6.90 20.91 7.59
C VAL D 150 6.72 22.43 7.63
N VAL D 151 5.50 22.90 7.35
CA VAL D 151 5.22 24.34 7.38
C VAL D 151 5.43 24.95 8.78
N ARG D 152 4.89 24.31 9.82
CA ARG D 152 5.13 24.75 11.18
C ARG D 152 6.63 24.79 11.48
N LEU D 153 7.36 23.75 11.08
CA LEU D 153 8.77 23.71 11.34
C LEU D 153 9.50 24.81 10.54
N SER D 154 9.06 25.10 9.32
CA SER D 154 9.75 26.09 8.45
C SER D 154 9.68 27.49 9.11
N GLU D 155 8.76 27.66 10.03
CA GLU D 155 8.66 28.95 10.69
C GLU D 155 9.71 29.13 11.76
N ILE D 156 10.37 28.02 12.12
CA ILE D 156 11.54 28.11 12.99
C ILE D 156 12.71 28.68 12.21
N GLU D 157 13.43 29.59 12.86
CA GLU D 157 14.42 30.40 12.17
C GLU D 157 15.51 29.59 11.52
N ASN D 158 16.05 28.58 12.20
CA ASN D 158 17.15 27.85 11.59
C ASN D 158 16.72 26.56 10.84
N ILE D 159 15.42 26.33 10.67
CA ILE D 159 15.00 25.21 9.81
C ILE D 159 14.71 25.78 8.40
N VAL D 160 15.57 25.47 7.44
CA VAL D 160 15.65 26.29 6.24
C VAL D 160 15.38 25.46 4.99
N ALA D 161 15.31 24.13 5.14
CA ALA D 161 15.20 23.31 3.93
C ALA D 161 14.56 21.99 4.24
N ILE D 162 14.10 21.36 3.16
CA ILE D 162 13.70 19.96 3.25
C ILE D 162 14.20 19.18 2.05
N ASP D 164 13.02 16.11 0.26
CA ASP D 164 11.72 15.38 0.32
C ASP D 164 11.92 14.18 -0.53
N ALA D 165 12.09 13.04 0.11
CA ALA D 165 12.27 11.84 -0.61
C ALA D 165 10.96 11.07 -0.57
N GLY D 166 9.84 11.79 -0.46
CA GLY D 166 8.55 11.13 -0.48
C GLY D 166 8.06 10.68 -1.86
N GLY D 167 8.80 10.97 -2.94
CA GLY D 167 8.33 10.51 -4.26
C GLY D 167 7.13 11.27 -4.83
N ASP D 168 6.70 12.36 -4.21
CA ASP D 168 5.44 13.02 -4.59
C ASP D 168 5.68 14.49 -4.84
N VAL D 169 5.65 14.93 -6.08
CA VAL D 169 5.95 16.30 -6.39
C VAL D 169 4.74 17.19 -6.07
N LEU D 170 3.59 16.59 -5.85
CA LEU D 170 2.41 17.40 -5.42
C LEU D 170 2.45 17.77 -3.97
N THR D 171 2.96 16.90 -3.09
CA THR D 171 3.21 17.35 -1.67
C THR D 171 4.34 18.40 -1.69
N MET D 172 5.40 18.15 -2.48
CA MET D 172 6.45 19.16 -2.67
C MET D 172 5.84 20.51 -3.06
N THR D 173 4.91 20.49 -4.00
CA THR D 173 4.34 21.73 -4.50
C THR D 173 3.70 22.47 -3.37
N GLU D 174 2.95 21.72 -2.58
CA GLU D 174 2.18 22.31 -1.51
C GLU D 174 3.10 22.89 -0.43
N ILE D 175 4.20 22.20 -0.18
CA ILE D 175 5.18 22.73 0.79
C ILE D 175 5.77 24.05 0.27
N ILE D 176 6.15 24.07 -1.03
CA ILE D 176 6.71 25.27 -1.67
C ILE D 176 5.72 26.43 -1.50
N GLU D 177 4.47 26.23 -1.85
CA GLU D 177 3.50 27.29 -1.77
C GLU D 177 3.27 27.79 -0.36
N LYS D 178 3.23 26.87 0.62
CA LYS D 178 2.83 27.24 1.94
C LYS D 178 3.94 27.77 2.87
N THR D 179 5.19 27.53 2.49
CA THR D 179 6.33 28.05 3.22
C THR D 179 6.79 29.39 2.58
N ALA D 180 7.54 30.20 3.35
CA ALA D 180 8.15 31.44 2.86
C ALA D 180 9.11 31.10 1.73
N ASP D 181 9.46 32.08 0.92
CA ASP D 181 10.25 31.89 -0.29
C ASP D 181 11.68 31.50 0.03
N ASP D 182 12.11 31.79 1.26
CA ASP D 182 13.43 31.41 1.71
C ASP D 182 13.46 30.00 2.38
N PHE D 183 12.43 29.19 2.12
CA PHE D 183 12.43 27.81 2.58
C PHE D 183 12.72 26.96 1.35
N ALA D 184 13.89 26.36 1.28
CA ALA D 184 14.31 25.58 0.10
C ALA D 184 13.76 24.10 0.08
N VAL D 185 13.06 23.73 -0.99
CA VAL D 185 12.52 22.40 -1.08
C VAL D 185 13.35 21.62 -2.09
N TYR D 186 14.00 20.55 -1.61
CA TYR D 186 14.76 19.69 -2.49
C TYR D 186 14.08 18.36 -2.76
N SER D 187 14.30 17.81 -3.94
CA SER D 187 13.86 16.45 -4.18
C SER D 187 14.81 15.58 -3.41
N GLY D 188 14.33 14.43 -2.95
CA GLY D 188 15.24 13.46 -2.40
C GLY D 188 15.33 12.27 -3.33
N ASP D 189 14.77 12.39 -4.55
CA ASP D 189 14.73 11.22 -5.49
C ASP D 189 15.33 11.67 -6.80
N ASP D 190 16.46 11.08 -7.18
CA ASP D 190 17.18 11.53 -8.39
C ASP D 190 16.28 11.62 -9.65
N GLY D 191 15.48 10.60 -9.88
CA GLY D 191 14.64 10.58 -11.09
C GLY D 191 13.64 11.69 -11.10
N LEU D 192 13.28 12.23 -9.92
CA LEU D 192 12.32 13.35 -9.91
C LEU D 192 12.94 14.77 -9.98
N THR D 193 14.27 14.82 -10.19
CA THR D 193 14.97 16.10 -10.24
C THR D 193 14.26 17.06 -11.16
N LEU D 194 14.13 16.66 -12.43
CA LEU D 194 13.52 17.53 -13.46
C LEU D 194 12.05 17.92 -13.17
N PRO D 195 11.17 16.91 -12.90
CA PRO D 195 9.79 17.31 -12.53
C PRO D 195 9.69 18.10 -11.26
N ALA D 196 10.53 17.78 -10.24
CA ALA D 196 10.45 18.54 -8.96
C ALA D 196 10.80 20.00 -9.23
N MET D 197 11.86 20.17 -10.03
CA MET D 197 12.30 21.52 -10.40
C MET D 197 11.26 22.25 -11.23
N ALA D 198 10.58 21.55 -12.12
CA ALA D 198 9.48 22.15 -12.90
C ALA D 198 8.45 22.79 -12.02
N VAL D 199 8.23 22.19 -10.81
CA VAL D 199 7.23 22.72 -9.88
C VAL D 199 7.82 23.66 -8.82
N GLY D 200 9.12 23.89 -8.87
CA GLY D 200 9.77 24.90 -8.03
C GLY D 200 10.77 24.44 -6.98
N ALA D 201 11.12 23.17 -7.01
CA ALA D 201 12.06 22.63 -6.05
C ALA D 201 13.37 23.33 -6.36
N LYS D 202 14.25 23.53 -5.38
CA LYS D 202 15.51 24.21 -5.60
C LYS D 202 16.46 23.22 -6.26
N GLY D 203 16.25 21.92 -6.09
CA GLY D 203 17.21 20.97 -6.71
C GLY D 203 17.11 19.60 -6.09
N ILE D 204 18.23 18.88 -6.08
CA ILE D 204 18.20 17.49 -5.70
C ILE D 204 19.32 17.18 -4.65
N VAL D 205 18.94 16.42 -3.62
CA VAL D 205 19.91 15.71 -2.75
C VAL D 205 20.08 14.33 -3.41
N SER D 206 21.28 14.09 -3.97
CA SER D 206 21.48 13.07 -4.98
C SER D 206 22.37 11.90 -4.56
N VAL D 207 22.14 10.76 -5.20
CA VAL D 207 23.02 9.61 -5.11
C VAL D 207 23.72 9.45 -6.47
N ALA D 208 22.95 9.64 -7.53
CA ALA D 208 23.38 9.44 -8.89
C ALA D 208 24.51 10.42 -9.31
N SER D 209 24.57 11.57 -8.65
CA SER D 209 25.63 12.52 -8.88
C SER D 209 27.03 11.97 -8.59
N HIS D 210 27.11 10.79 -7.94
CA HIS D 210 28.43 10.20 -7.70
C HIS D 210 28.99 9.83 -9.04
N VAL D 211 28.13 9.45 -9.97
CA VAL D 211 28.61 8.98 -11.28
C VAL D 211 28.20 9.82 -12.49
N ILE D 212 27.13 10.60 -12.36
CA ILE D 212 26.72 11.47 -13.49
C ILE D 212 26.42 12.89 -13.06
N GLY D 213 27.22 13.38 -12.10
CA GLY D 213 27.11 14.74 -11.58
C GLY D 213 27.05 15.79 -12.73
N ASN D 214 27.98 15.67 -13.67
CA ASN D 214 28.09 16.68 -14.74
C ASN D 214 26.86 16.63 -15.65
N GLU D 215 26.42 15.44 -16.04
CA GLU D 215 25.20 15.34 -16.83
C GLU D 215 23.99 15.98 -16.10
N MET D 216 23.91 15.78 -14.79
CA MET D 216 22.78 16.29 -14.01
C MET D 216 22.86 17.81 -14.05
N GLN D 217 24.07 18.36 -13.93
CA GLN D 217 24.16 19.84 -13.96
C GLN D 217 23.76 20.38 -15.35
N GLU D 218 24.15 19.65 -16.35
CA GLU D 218 23.80 19.96 -17.74
C GLU D 218 22.28 19.91 -17.93
N MET D 219 21.67 18.86 -17.39
CA MET D 219 20.21 18.68 -17.47
C MET D 219 19.50 19.88 -16.85
N ILE D 220 19.90 20.20 -15.65
CA ILE D 220 19.28 21.27 -14.92
C ILE D 220 19.44 22.61 -15.67
N ALA D 221 20.63 22.85 -16.19
CA ALA D 221 20.88 24.15 -16.83
C ALA D 221 20.05 24.21 -18.13
N ALA D 222 20.01 23.13 -18.89
CA ALA D 222 19.18 23.02 -20.08
C ALA D 222 17.71 23.29 -19.77
N PHE D 223 17.14 22.61 -18.77
CA PHE D 223 15.78 22.90 -18.41
C PHE D 223 15.47 24.36 -18.05
N GLN D 224 16.30 24.93 -17.17
CA GLN D 224 16.11 26.33 -16.70
C GLN D 224 16.15 27.31 -17.90
N ALA D 225 16.90 26.92 -18.93
CA ALA D 225 17.03 27.70 -20.17
C ALA D 225 15.83 27.51 -21.07
N GLY D 226 14.94 26.55 -20.72
CA GLY D 226 13.87 26.19 -21.67
C GLY D 226 14.32 25.33 -22.80
N GLU D 227 15.46 24.67 -22.68
CA GLU D 227 15.83 23.68 -23.69
C GLU D 227 15.32 22.27 -23.35
N PHE D 228 14.00 22.07 -23.59
CA PHE D 228 13.31 20.89 -23.10
C PHE D 228 13.80 19.57 -23.65
N LYS D 229 14.02 19.51 -24.96
CA LYS D 229 14.50 18.31 -25.60
C LYS D 229 15.90 17.91 -25.08
N LYS D 230 16.80 18.86 -24.92
CA LYS D 230 18.11 18.51 -24.39
C LYS D 230 17.93 18.05 -22.90
N ALA D 231 17.07 18.72 -22.14
CA ALA D 231 16.86 18.36 -20.74
C ALA D 231 16.24 16.96 -20.63
N GLN D 232 15.31 16.64 -21.53
CA GLN D 232 14.62 15.36 -21.52
C GLN D 232 15.53 14.20 -21.83
N LYS D 233 16.46 14.39 -22.77
CA LYS D 233 17.39 13.30 -23.09
C LYS D 233 18.31 12.99 -21.89
N LEU D 234 18.71 14.02 -21.19
CA LEU D 234 19.53 13.84 -20.01
C LEU D 234 18.71 13.30 -18.82
N HIS D 235 17.45 13.68 -18.73
CA HIS D 235 16.55 13.12 -17.73
C HIS D 235 16.42 11.61 -17.97
N GLN D 236 16.32 11.20 -19.21
CA GLN D 236 16.22 9.80 -19.53
C GLN D 236 17.40 8.98 -19.04
N LEU D 237 18.58 9.56 -19.18
CA LEU D 237 19.84 8.95 -18.74
C LEU D 237 19.84 8.93 -17.21
N LEU D 238 19.39 10.01 -16.60
CA LEU D 238 19.34 10.08 -15.14
C LEU D 238 18.42 8.98 -14.52
N VAL D 239 17.22 8.83 -15.08
CA VAL D 239 16.29 7.87 -14.63
C VAL D 239 16.89 6.48 -14.84
N ARG D 240 17.50 6.23 -16.00
CA ARG D 240 18.02 4.87 -16.30
C ARG D 240 19.11 4.56 -15.31
N VAL D 241 20.03 5.51 -15.12
CA VAL D 241 21.19 5.29 -14.21
C VAL D 241 20.69 5.13 -12.74
N THR D 242 19.80 6.02 -12.32
CA THR D 242 19.19 5.88 -11.02
C THR D 242 18.58 4.49 -10.75
N ASP D 243 17.81 3.98 -11.71
CA ASP D 243 17.21 2.66 -11.59
C ASP D 243 18.33 1.62 -11.34
N SER D 244 19.44 1.72 -12.07
CA SER D 244 20.44 0.67 -11.90
C SER D 244 21.08 0.82 -10.51
N LEU D 245 21.06 2.03 -9.95
CA LEU D 245 21.71 2.22 -8.63
C LEU D 245 20.87 1.70 -7.44
N PHE D 246 19.65 1.27 -7.71
CA PHE D 246 18.82 0.76 -6.68
C PHE D 246 18.31 -0.64 -6.97
N MET D 247 19.04 -1.40 -7.78
CA MET D 247 18.76 -2.78 -8.13
C MET D 247 18.93 -3.61 -6.86
N ALA D 248 19.70 -3.07 -5.94
CA ALA D 248 20.01 -3.68 -4.66
C ALA D 248 20.06 -2.61 -3.59
N PRO D 249 20.05 -3.04 -2.29
CA PRO D 249 19.95 -2.07 -1.22
C PRO D 249 21.09 -1.05 -1.34
N SER D 250 20.71 0.22 -1.27
CA SER D 250 21.61 1.32 -1.45
C SER D 250 22.40 1.47 -0.17
N PRO D 251 23.70 1.83 -0.25
CA PRO D 251 24.51 2.34 -1.38
C PRO D 251 25.44 1.31 -2.07
N THR D 252 25.22 0.02 -1.89
CA THR D 252 26.12 -0.94 -2.54
C THR D 252 26.19 -0.70 -4.06
N PRO D 253 25.05 -0.44 -4.74
CA PRO D 253 25.23 -0.31 -6.17
C PRO D 253 26.08 0.92 -6.53
N VAL D 254 25.81 2.07 -5.90
CA VAL D 254 26.61 3.24 -6.21
C VAL D 254 28.09 3.13 -5.80
N LYS D 255 28.37 2.55 -4.64
CA LYS D 255 29.75 2.15 -4.30
C LYS D 255 30.37 1.23 -5.33
N THR D 256 29.57 0.34 -5.91
CA THR D 256 30.12 -0.51 -6.94
C THR D 256 30.32 0.29 -8.25
N ALA D 257 29.37 1.18 -8.62
CA ALA D 257 29.45 1.92 -9.86
C ALA D 257 30.68 2.79 -9.79
N LEU D 258 30.95 3.36 -8.61
CA LEU D 258 32.12 4.19 -8.45
C LEU D 258 33.38 3.35 -8.72
N GLN D 259 33.48 2.16 -8.12
CA GLN D 259 34.62 1.30 -8.37
C GLN D 259 34.77 1.11 -9.89
N MET D 260 33.67 0.84 -10.58
CA MET D 260 33.73 0.64 -12.01
C MET D 260 34.24 1.81 -12.88
N VAL D 261 34.12 3.05 -12.39
CA VAL D 261 34.61 4.24 -13.08
C VAL D 261 35.96 4.76 -12.49
N GLY D 262 36.73 3.89 -11.81
CA GLY D 262 38.07 4.26 -11.34
C GLY D 262 38.19 4.78 -9.93
N LEU D 263 37.08 4.84 -9.19
CA LEU D 263 37.14 5.36 -7.86
C LEU D 263 36.65 4.34 -6.76
N ASP D 264 37.51 3.39 -6.36
CA ASP D 264 37.19 2.32 -5.39
C ASP D 264 36.98 2.91 -4.02
N VAL D 265 35.77 2.75 -3.45
CA VAL D 265 35.46 3.36 -2.15
C VAL D 265 35.14 2.26 -1.11
N GLY D 266 35.50 1.04 -1.49
CA GLY D 266 35.31 -0.12 -0.61
C GLY D 266 33.94 -0.81 -0.81
N SER D 267 33.57 -1.56 0.20
CA SER D 267 32.33 -2.32 0.18
C SER D 267 31.43 -1.64 1.20
N VAL D 268 30.47 -2.39 1.72
CA VAL D 268 29.42 -1.91 2.63
C VAL D 268 29.45 -2.77 3.92
N ARG D 269 28.76 -2.33 4.95
CA ARG D 269 28.74 -3.03 6.23
C ARG D 269 27.40 -3.75 6.37
N LEU D 270 27.46 -4.91 7.02
CA LEU D 270 26.28 -5.75 7.30
C LEU D 270 25.31 -4.83 8.06
N PRO D 271 24.02 -4.88 7.72
CA PRO D 271 23.41 -5.98 6.97
C PRO D 271 23.42 -5.85 5.48
N LEU D 272 24.11 -4.84 4.91
CA LEU D 272 24.19 -4.70 3.44
C LEU D 272 25.30 -5.63 2.96
N LEU D 273 25.15 -6.14 1.73
CA LEU D 273 26.10 -7.11 1.13
C LEU D 273 26.59 -6.59 -0.23
N PRO D 274 27.81 -7.05 -0.66
CA PRO D 274 28.35 -6.75 -2.01
C PRO D 274 27.37 -7.21 -3.08
N LEU D 275 27.43 -6.58 -4.24
CA LEU D 275 26.58 -7.02 -5.33
C LEU D 275 26.96 -8.47 -5.69
N THR D 276 26.01 -9.31 -6.08
CA THR D 276 26.36 -10.56 -6.78
C THR D 276 27.04 -10.29 -8.15
N GLU D 277 27.81 -11.28 -8.62
CA GLU D 277 28.31 -11.31 -9.99
C GLU D 277 27.28 -10.91 -11.03
N GLU D 278 26.12 -11.53 -11.06
CA GLU D 278 25.10 -11.12 -12.05
C GLU D 278 24.60 -9.66 -11.85
N GLU D 279 24.63 -9.18 -10.60
CA GLU D 279 24.10 -7.84 -10.34
C GLU D 279 25.14 -6.85 -10.92
N ARG D 280 26.40 -7.15 -10.65
CA ARG D 280 27.56 -6.44 -11.14
C ARG D 280 27.55 -6.32 -12.70
N VAL D 281 27.26 -7.42 -13.38
CA VAL D 281 27.23 -7.45 -14.85
C VAL D 281 26.09 -6.57 -15.34
N THR D 282 24.94 -6.65 -14.67
CA THR D 282 23.83 -5.77 -15.01
C THR D 282 24.24 -4.31 -14.84
N LEU D 283 24.91 -4.01 -13.75
CA LEU D 283 25.27 -2.63 -13.43
C LEU D 283 26.31 -2.04 -14.40
N GLN D 284 27.34 -2.84 -14.69
CA GLN D 284 28.40 -2.50 -15.62
C GLN D 284 27.81 -2.19 -16.98
N SER D 285 26.79 -2.92 -17.43
CA SER D 285 26.14 -2.58 -18.71
C SER D 285 25.58 -1.18 -18.69
N VAL D 286 24.75 -0.88 -17.68
CA VAL D 286 24.21 0.48 -17.52
C VAL D 286 25.33 1.50 -17.47
N MET D 287 26.37 1.22 -16.70
CA MET D 287 27.50 2.15 -16.62
C MET D 287 28.15 2.39 -17.98
N GLN D 288 28.35 1.29 -18.73
CA GLN D 288 28.91 1.32 -20.08
C GLN D 288 27.97 2.02 -21.06
N SER D 289 26.68 2.11 -20.74
CA SER D 289 25.74 2.88 -21.58
C SER D 289 25.83 4.44 -21.44
N ILE D 290 26.57 4.97 -20.45
CA ILE D 290 26.62 6.42 -20.25
C ILE D 290 27.48 7.05 -21.39
N PRO D 291 26.97 8.06 -22.14
CA PRO D 291 27.83 8.70 -23.17
C PRO D 291 29.15 9.20 -22.61
N ARG D 292 30.24 8.87 -23.27
CA ARG D 292 31.53 9.33 -22.77
C ARG D 292 32.09 10.39 -23.73
#